data_8V59
# 
_entry.id   8V59 
# 
_audit_conform.dict_name       mmcif_pdbx.dic 
_audit_conform.dict_version    5.388 
_audit_conform.dict_location   http://mmcif.pdb.org/dictionaries/ascii/mmcif_pdbx.dic 
# 
loop_
_database_2.database_id 
_database_2.database_code 
_database_2.pdbx_database_accession 
_database_2.pdbx_DOI 
PDB   8V59         pdb_00008v59 10.2210/pdb8v59/pdb 
WWPDB D_1000279560 ?            ?                   
# 
loop_
_pdbx_audit_revision_history.ordinal 
_pdbx_audit_revision_history.data_content_type 
_pdbx_audit_revision_history.major_revision 
_pdbx_audit_revision_history.minor_revision 
_pdbx_audit_revision_history.revision_date 
1 'Structure model' 1 0 2024-03-06 
2 'Structure model' 1 1 2024-03-20 
# 
_pdbx_audit_revision_details.ordinal             1 
_pdbx_audit_revision_details.revision_ordinal    1 
_pdbx_audit_revision_details.data_content_type   'Structure model' 
_pdbx_audit_revision_details.provider            repository 
_pdbx_audit_revision_details.type                'Initial release' 
_pdbx_audit_revision_details.description         ? 
_pdbx_audit_revision_details.details             ? 
# 
_pdbx_audit_revision_group.ordinal             1 
_pdbx_audit_revision_group.revision_ordinal    2 
_pdbx_audit_revision_group.data_content_type   'Structure model' 
_pdbx_audit_revision_group.group               'Database references' 
# 
_pdbx_audit_revision_category.ordinal             1 
_pdbx_audit_revision_category.revision_ordinal    2 
_pdbx_audit_revision_category.data_content_type   'Structure model' 
_pdbx_audit_revision_category.category            citation 
# 
loop_
_pdbx_audit_revision_item.ordinal 
_pdbx_audit_revision_item.revision_ordinal 
_pdbx_audit_revision_item.data_content_type 
_pdbx_audit_revision_item.item 
1 2 'Structure model' '_citation.journal_volume' 
2 2 'Structure model' '_citation.page_first'     
3 2 'Structure model' '_citation.page_last'      
# 
_pdbx_database_status.status_code                     REL 
_pdbx_database_status.status_code_sf                  REL 
_pdbx_database_status.status_code_mr                  ? 
_pdbx_database_status.entry_id                        8V59 
_pdbx_database_status.recvd_initial_deposition_date   2023-11-30 
_pdbx_database_status.SG_entry                        N 
_pdbx_database_status.deposit_site                    RCSB 
_pdbx_database_status.process_site                    RCSB 
_pdbx_database_status.status_code_cs                  ? 
_pdbx_database_status.status_code_nmr_data            ? 
_pdbx_database_status.methods_development_category    ? 
_pdbx_database_status.pdb_format_compatible           Y 
# 
_pdbx_contact_author.id                 2 
_pdbx_contact_author.email              andyn@uic.edu 
_pdbx_contact_author.name_first         Andy 
_pdbx_contact_author.name_last          Nguyen 
_pdbx_contact_author.name_mi            I 
_pdbx_contact_author.role               'principal investigator/group leader' 
_pdbx_contact_author.identifier_ORCID   0000-0003-4137-6453 
# 
_audit_author.name               'Heinz-Kunert, S.L.' 
_audit_author.pdbx_ordinal       1 
_audit_author.identifier_ORCID   0009-0002-5884-1294 
# 
_citation.abstract                  ? 
_citation.abstract_id_CAS           ? 
_citation.book_id_ISBN              ? 
_citation.book_publisher            ? 
_citation.book_publisher_city       ? 
_citation.book_title                ? 
_citation.coordinate_linkage        ? 
_citation.country                   US 
_citation.database_id_Medline       ? 
_citation.details                   ? 
_citation.id                        primary 
_citation.journal_abbrev            Biomacromolecules 
_citation.journal_id_ASTM           ? 
_citation.journal_id_CSD            ? 
_citation.journal_id_ISSN           1526-4602 
_citation.journal_full              ? 
_citation.journal_issue             ? 
_citation.journal_volume            25 
_citation.language                  ? 
_citation.page_first                2016 
_citation.page_last                 2023 
_citation.title                     'Pore Restructuring of Peptide Frameworks by Mutations at Distal Packing Residues.' 
_citation.year                      2024 
_citation.database_id_CSD           ? 
_citation.pdbx_database_id_DOI      10.1021/acs.biomac.3c01418 
_citation.pdbx_database_id_PubMed   38362872 
_citation.pdbx_database_id_patent   ? 
_citation.unpublished_flag          ? 
# 
loop_
_citation_author.citation_id 
_citation_author.name 
_citation_author.ordinal 
_citation_author.identifier_ORCID 
primary 'Heinz-Kunert, S.L.' 1 ?                   
primary 'Pandya, A.'         2 0000-0003-3303-1009 
primary 'Dang, V.T.'         3 ?                   
primary 'Oktawiec, J.'       4 0000-0002-2895-3327 
primary 'Nguyen, A.I.'       5 0000-0003-4137-6453 
# 
loop_
_entity.id 
_entity.type 
_entity.src_method 
_entity.pdbx_description 
_entity.formula_weight 
_entity.pdbx_number_of_molecules 
_entity.pdbx_ec 
_entity.pdbx_mutation 
_entity.pdbx_fragment 
_entity.details 
1 polymer     syn UIC-1-B5I 1402.642 2 ? ? ? ? 
2 non-polymer syn METHANOL  32.042   1 ? ? ? ? 
3 water       nat water     18.015   7 ? ? ? ? 
# 
_entity_poly.entity_id                      1 
_entity_poly.type                           'polypeptide(L)' 
_entity_poly.nstd_linkage                   no 
_entity_poly.nstd_monomer                   yes 
_entity_poly.pdbx_seq_one_letter_code       '(I6W)L(AIB)AIL(AIB)Q(AIB)L(I77)' 
_entity_poly.pdbx_seq_one_letter_code_can   XLAAILAQALX 
_entity_poly.pdbx_strand_id                 A,B 
_entity_poly.pdbx_target_identifier         ? 
# 
loop_
_pdbx_entity_nonpoly.entity_id 
_pdbx_entity_nonpoly.name 
_pdbx_entity_nonpoly.comp_id 
2 METHANOL MOH 
3 water    HOH 
# 
loop_
_entity_poly_seq.entity_id 
_entity_poly_seq.num 
_entity_poly_seq.mon_id 
_entity_poly_seq.hetero 
1 1  I6W n 
1 2  LEU n 
1 3  AIB n 
1 4  ALA n 
1 5  ILE n 
1 6  LEU n 
1 7  AIB n 
1 8  GLN n 
1 9  AIB n 
1 10 LEU n 
1 11 I77 n 
# 
_pdbx_entity_src_syn.entity_id              1 
_pdbx_entity_src_syn.pdbx_src_id            1 
_pdbx_entity_src_syn.pdbx_alt_source_flag   sample 
_pdbx_entity_src_syn.pdbx_beg_seq_num       1 
_pdbx_entity_src_syn.pdbx_end_seq_num       11 
_pdbx_entity_src_syn.organism_scientific    'synthetic construct' 
_pdbx_entity_src_syn.organism_common_name   ? 
_pdbx_entity_src_syn.ncbi_taxonomy_id       32630 
_pdbx_entity_src_syn.details                ? 
# 
loop_
_chem_comp.id 
_chem_comp.type 
_chem_comp.mon_nstd_flag 
_chem_comp.name 
_chem_comp.pdbx_synonyms 
_chem_comp.formula 
_chem_comp.formula_weight 
AIB 'L-peptide linking' n 'ALPHA-AMINOISOBUTYRIC ACID'                            ? 'C4 H9 N O2'    103.120 
ALA 'L-peptide linking' y ALANINE                                                 ? 'C3 H7 N O2'    89.093  
GLN 'L-peptide linking' y GLUTAMINE                                               ? 'C5 H10 N2 O3'  146.144 
HOH non-polymer         . WATER                                                   ? 'H2 O'          18.015  
I6W non-polymer         . 
;ethyl 5'-formyl[2,2'-bipyridine]-5-carboxylate
;
? 'C14 H12 N2 O3' 256.257 
I77 non-polymer         . "5'-(hydrazinecarbonyl)[2,2'-bipyridine]-5-carboxamide" ? 'C12 H11 N5 O2' 257.248 
ILE 'L-peptide linking' y ISOLEUCINE                                              ? 'C6 H13 N O2'   131.173 
LEU 'L-peptide linking' y LEUCINE                                                 ? 'C6 H13 N O2'   131.173 
MOH non-polymer         . METHANOL                                                ? 'C H4 O'        32.042  
# 
loop_
_pdbx_poly_seq_scheme.asym_id 
_pdbx_poly_seq_scheme.entity_id 
_pdbx_poly_seq_scheme.seq_id 
_pdbx_poly_seq_scheme.mon_id 
_pdbx_poly_seq_scheme.ndb_seq_num 
_pdbx_poly_seq_scheme.pdb_seq_num 
_pdbx_poly_seq_scheme.auth_seq_num 
_pdbx_poly_seq_scheme.pdb_mon_id 
_pdbx_poly_seq_scheme.auth_mon_id 
_pdbx_poly_seq_scheme.pdb_strand_id 
_pdbx_poly_seq_scheme.pdb_ins_code 
_pdbx_poly_seq_scheme.hetero 
A 1 1  I6W 1  1  1  I6W BPE A . n 
A 1 2  LEU 2  2  2  LEU LEU A . n 
A 1 3  AIB 3  3  3  AIB AIB A . n 
A 1 4  ALA 4  4  4  ALA ALA A . n 
A 1 5  ILE 5  5  5  ILE ILE A . n 
A 1 6  LEU 6  6  6  LEU LEU A . n 
A 1 7  AIB 7  7  7  AIB AIB A . n 
A 1 8  GLN 8  8  8  GLN GLN A . n 
A 1 9  AIB 9  9  9  AIB AIB A . n 
A 1 10 LEU 10 10 10 LEU LEU A . n 
A 1 11 I77 11 11 11 I77 BPH A . n 
B 1 1  I6W 1  1  1  I6W BPE B . n 
B 1 2  LEU 2  2  2  LEU LEU B . n 
B 1 3  AIB 3  3  3  AIB AIB B . n 
B 1 4  ALA 4  4  4  ALA ALA B . n 
B 1 5  ILE 5  5  5  ILE ILE B . n 
B 1 6  LEU 6  6  6  LEU LEU B . n 
B 1 7  AIB 7  7  7  AIB AIB B . n 
B 1 8  GLN 8  8  8  GLN GLN B . n 
B 1 9  AIB 9  9  9  AIB AIB B . n 
B 1 10 LEU 10 10 10 LEU LEU B . n 
B 1 11 I77 11 11 11 I77 BPH B . n 
# 
loop_
_pdbx_nonpoly_scheme.asym_id 
_pdbx_nonpoly_scheme.entity_id 
_pdbx_nonpoly_scheme.mon_id 
_pdbx_nonpoly_scheme.ndb_seq_num 
_pdbx_nonpoly_scheme.pdb_seq_num 
_pdbx_nonpoly_scheme.auth_seq_num 
_pdbx_nonpoly_scheme.pdb_mon_id 
_pdbx_nonpoly_scheme.auth_mon_id 
_pdbx_nonpoly_scheme.pdb_strand_id 
_pdbx_nonpoly_scheme.pdb_ins_code 
C 2 MOH 1 101 8 MOH MOH A . 
D 3 HOH 1 201 4 HOH HOH A . 
D 3 HOH 2 202 1 HOH HOH A . 
D 3 HOH 3 203 5 HOH HOH A . 
E 3 HOH 1 101 2 HOH HOH B . 
E 3 HOH 2 102 3 HOH HOH B . 
E 3 HOH 3 103 7 HOH HOH B . 
E 3 HOH 4 104 6 HOH HOH B . 
# 
loop_
_software.citation_id 
_software.classification 
_software.compiler_name 
_software.compiler_version 
_software.contact_author 
_software.contact_author_email 
_software.date 
_software.description 
_software.dependencies 
_software.hardware 
_software.language 
_software.location 
_software.mods 
_software.name 
_software.os 
_software.os_version 
_software.type 
_software.version 
_software.pdbx_ordinal 
? refinement       ? ? ? ? ? ? ? ? ? ? ? PHENIX ? ? ? 1.20.1_4487 1 
? 'data reduction' ? ? ? ? ? ? ? ? ? ? ? XDS    ? ? ? .           2 
? 'data scaling'   ? ? ? ? ? ? ? ? ? ? ? XDS    ? ? ? .           3 
? phasing          ? ? ? ? ? ? ? ? ? ? ? PHASER ? ? ? .           4 
# 
_cell.angle_alpha                  90.000 
_cell.angle_alpha_esd              ? 
_cell.angle_beta                   100.500 
_cell.angle_beta_esd               ? 
_cell.angle_gamma                  90.000 
_cell.angle_gamma_esd              ? 
_cell.entry_id                     8V59 
_cell.details                      ? 
_cell.formula_units_Z              ? 
_cell.length_a                     54.012 
_cell.length_a_esd                 ? 
_cell.length_b                     10.316 
_cell.length_b_esd                 ? 
_cell.length_c                     32.278 
_cell.length_c_esd                 ? 
_cell.volume                       17683.749 
_cell.volume_esd                   ? 
_cell.Z_PDB                        8 
_cell.reciprocal_angle_alpha       ? 
_cell.reciprocal_angle_beta        ? 
_cell.reciprocal_angle_gamma       ? 
_cell.reciprocal_angle_alpha_esd   ? 
_cell.reciprocal_angle_beta_esd    ? 
_cell.reciprocal_angle_gamma_esd   ? 
_cell.reciprocal_length_a          ? 
_cell.reciprocal_length_b          ? 
_cell.reciprocal_length_c          ? 
_cell.reciprocal_length_a_esd      ? 
_cell.reciprocal_length_b_esd      ? 
_cell.reciprocal_length_c_esd      ? 
_cell.pdbx_unique_axis             ? 
_cell.pdbx_esd_method              ? 
# 
_symmetry.entry_id                         8V59 
_symmetry.cell_setting                     ? 
_symmetry.Int_Tables_number                5 
_symmetry.space_group_name_Hall            'C 2y' 
_symmetry.space_group_name_H-M             'C 1 2 1' 
_symmetry.pdbx_full_space_group_name_H-M   ? 
# 
_exptl.absorpt_coefficient_mu     ? 
_exptl.absorpt_correction_T_max   ? 
_exptl.absorpt_correction_T_min   ? 
_exptl.absorpt_correction_type    ? 
_exptl.absorpt_process_details    ? 
_exptl.entry_id                   8V59 
_exptl.crystals_number            1 
_exptl.details                    ? 
_exptl.method                     'X-RAY DIFFRACTION' 
_exptl.method_details             ? 
# 
_exptl_crystal.colour                       ? 
_exptl_crystal.density_diffrn               ? 
_exptl_crystal.density_Matthews             1.58 
_exptl_crystal.density_method               ? 
_exptl_crystal.density_percent_sol          21.95 
_exptl_crystal.description                  ? 
_exptl_crystal.F_000                        ? 
_exptl_crystal.id                           1 
_exptl_crystal.preparation                  ? 
_exptl_crystal.size_max                     ? 
_exptl_crystal.size_mid                     ? 
_exptl_crystal.size_min                     ? 
_exptl_crystal.size_rad                     ? 
_exptl_crystal.colour_lustre                ? 
_exptl_crystal.colour_modifier              ? 
_exptl_crystal.colour_primary               ? 
_exptl_crystal.density_meas                 ? 
_exptl_crystal.density_meas_esd             ? 
_exptl_crystal.density_meas_gt              ? 
_exptl_crystal.density_meas_lt              ? 
_exptl_crystal.density_meas_temp            ? 
_exptl_crystal.density_meas_temp_esd        ? 
_exptl_crystal.density_meas_temp_gt         ? 
_exptl_crystal.density_meas_temp_lt         ? 
_exptl_crystal.pdbx_crystal_image_url       ? 
_exptl_crystal.pdbx_crystal_image_format    ? 
_exptl_crystal.pdbx_mosaicity               ? 
_exptl_crystal.pdbx_mosaicity_esd           ? 
_exptl_crystal.pdbx_mosaic_method           ? 
_exptl_crystal.pdbx_mosaic_block_size       ? 
_exptl_crystal.pdbx_mosaic_block_size_esd   ? 
# 
_exptl_crystal_grow.apparatus       ? 
_exptl_crystal_grow.atmosphere      ? 
_exptl_crystal_grow.crystal_id      1 
_exptl_crystal_grow.details         ? 
_exptl_crystal_grow.method          'SLOW COOLING' 
_exptl_crystal_grow.method_ref      ? 
_exptl_crystal_grow.pH              ? 
_exptl_crystal_grow.pressure        ? 
_exptl_crystal_grow.pressure_esd    ? 
_exptl_crystal_grow.seeding         ? 
_exptl_crystal_grow.seeding_ref     ? 
_exptl_crystal_grow.temp_details    ? 
_exptl_crystal_grow.temp_esd        ? 
_exptl_crystal_grow.time            ? 
_exptl_crystal_grow.pdbx_details    'water, methanol' 
_exptl_crystal_grow.pdbx_pH_range   ? 
_exptl_crystal_grow.temp            298 
# 
_diffrn.ambient_environment              ? 
_diffrn.ambient_temp                     100 
_diffrn.ambient_temp_details             ? 
_diffrn.ambient_temp_esd                 ? 
_diffrn.crystal_id                       1 
_diffrn.crystal_support                  ? 
_diffrn.crystal_treatment                ? 
_diffrn.details                          ? 
_diffrn.id                               1 
_diffrn.ambient_pressure                 ? 
_diffrn.ambient_pressure_esd             ? 
_diffrn.ambient_pressure_gt              ? 
_diffrn.ambient_pressure_lt              ? 
_diffrn.ambient_temp_gt                  ? 
_diffrn.ambient_temp_lt                  ? 
_diffrn.pdbx_serial_crystal_experiment   N 
# 
_diffrn_detector.details                      ? 
_diffrn_detector.detector                     PIXEL 
_diffrn_detector.diffrn_id                    1 
_diffrn_detector.type                         'DECTRIS EIGER X 9M' 
_diffrn_detector.area_resol_mean              ? 
_diffrn_detector.dtime                        ? 
_diffrn_detector.pdbx_frames_total            ? 
_diffrn_detector.pdbx_collection_time_total   ? 
_diffrn_detector.pdbx_collection_date         2022-10-29 
_diffrn_detector.pdbx_frequency               ? 
_diffrn_detector.id                           ? 
_diffrn_detector.number_of_axes               ? 
# 
_diffrn_radiation.collimation                      ? 
_diffrn_radiation.diffrn_id                        1 
_diffrn_radiation.filter_edge                      ? 
_diffrn_radiation.inhomogeneity                    ? 
_diffrn_radiation.monochromator                    ? 
_diffrn_radiation.polarisn_norm                    ? 
_diffrn_radiation.polarisn_ratio                   ? 
_diffrn_radiation.probe                            ? 
_diffrn_radiation.type                             ? 
_diffrn_radiation.xray_symbol                      ? 
_diffrn_radiation.wavelength_id                    1 
_diffrn_radiation.pdbx_monochromatic_or_laue_m_l   M 
_diffrn_radiation.pdbx_wavelength_list             ? 
_diffrn_radiation.pdbx_wavelength                  ? 
_diffrn_radiation.pdbx_diffrn_protocol             'SINGLE WAVELENGTH' 
_diffrn_radiation.pdbx_analyzer                    ? 
_diffrn_radiation.pdbx_scattering_type             x-ray 
# 
_diffrn_radiation_wavelength.id           1 
_diffrn_radiation_wavelength.wavelength   0.61992 
_diffrn_radiation_wavelength.wt           1.0 
# 
_diffrn_source.current                     ? 
_diffrn_source.details                     ? 
_diffrn_source.diffrn_id                   1 
_diffrn_source.power                       ? 
_diffrn_source.size                        ? 
_diffrn_source.source                      SYNCHROTRON 
_diffrn_source.target                      ? 
_diffrn_source.type                        'APS BEAMLINE 21-ID-D' 
_diffrn_source.voltage                     ? 
_diffrn_source.take-off_angle              ? 
_diffrn_source.pdbx_wavelength_list        0.61992 
_diffrn_source.pdbx_wavelength             ? 
_diffrn_source.pdbx_synchrotron_beamline   21-ID-D 
_diffrn_source.pdbx_synchrotron_site       APS 
# 
_reflns.B_iso_Wilson_estimate                          7.41 
_reflns.entry_id                                       8V59 
_reflns.data_reduction_details                         ? 
_reflns.data_reduction_method                          ? 
_reflns.d_resolution_high                              1.12 
_reflns.d_resolution_low                               15.87 
_reflns.details                                        ? 
_reflns.limit_h_max                                    ? 
_reflns.limit_h_min                                    ? 
_reflns.limit_k_max                                    ? 
_reflns.limit_k_min                                    ? 
_reflns.limit_l_max                                    ? 
_reflns.limit_l_min                                    ? 
_reflns.number_all                                     ? 
_reflns.number_obs                                     6964 
_reflns.observed_criterion                             ? 
_reflns.observed_criterion_F_max                       ? 
_reflns.observed_criterion_F_min                       ? 
_reflns.observed_criterion_I_max                       ? 
_reflns.observed_criterion_I_min                       ? 
_reflns.observed_criterion_sigma_F                     ? 
_reflns.observed_criterion_sigma_I                     ? 
_reflns.percent_possible_obs                           97.43 
_reflns.R_free_details                                 ? 
_reflns.Rmerge_F_all                                   ? 
_reflns.Rmerge_F_obs                                   ? 
_reflns.Friedel_coverage                               ? 
_reflns.number_gt                                      ? 
_reflns.threshold_expression                           ? 
_reflns.pdbx_redundancy                                5.8 
_reflns.pdbx_netI_over_av_sigmaI                       ? 
_reflns.pdbx_netI_over_sigmaI                          13.15 
_reflns.pdbx_res_netI_over_av_sigmaI_2                 ? 
_reflns.pdbx_res_netI_over_sigmaI_2                    ? 
_reflns.pdbx_chi_squared                               ? 
_reflns.pdbx_scaling_rejects                           ? 
_reflns.pdbx_d_res_high_opt                            ? 
_reflns.pdbx_d_res_low_opt                             ? 
_reflns.pdbx_d_res_opt_method                          ? 
_reflns.phase_calculation_details                      ? 
_reflns.pdbx_Rrim_I_all                                0.1873 
_reflns.pdbx_Rpim_I_all                                0.08011 
_reflns.pdbx_d_opt                                     ? 
_reflns.pdbx_number_measured_all                       ? 
_reflns.pdbx_diffrn_id                                 1 
_reflns.pdbx_ordinal                                   1 
_reflns.pdbx_CC_half                                   0.992 
_reflns.pdbx_CC_star                                   0.998 
_reflns.pdbx_R_split                                   ? 
_reflns.pdbx_Rmerge_I_obs                              0.1683 
_reflns.pdbx_Rmerge_I_all                              ? 
_reflns.pdbx_Rsym_value                                ? 
_reflns.pdbx_CC_split_method                           ? 
_reflns.pdbx_aniso_diffraction_limit_axis_1_ortho[1]   ? 
_reflns.pdbx_aniso_diffraction_limit_axis_1_ortho[2]   ? 
_reflns.pdbx_aniso_diffraction_limit_axis_1_ortho[3]   ? 
_reflns.pdbx_aniso_diffraction_limit_axis_2_ortho[1]   ? 
_reflns.pdbx_aniso_diffraction_limit_axis_2_ortho[2]   ? 
_reflns.pdbx_aniso_diffraction_limit_axis_2_ortho[3]   ? 
_reflns.pdbx_aniso_diffraction_limit_axis_3_ortho[1]   ? 
_reflns.pdbx_aniso_diffraction_limit_axis_3_ortho[2]   ? 
_reflns.pdbx_aniso_diffraction_limit_axis_3_ortho[3]   ? 
_reflns.pdbx_aniso_diffraction_limit_1                 ? 
_reflns.pdbx_aniso_diffraction_limit_2                 ? 
_reflns.pdbx_aniso_diffraction_limit_3                 ? 
_reflns.pdbx_aniso_B_tensor_eigenvector_1_ortho[1]     ? 
_reflns.pdbx_aniso_B_tensor_eigenvector_1_ortho[2]     ? 
_reflns.pdbx_aniso_B_tensor_eigenvector_1_ortho[3]     ? 
_reflns.pdbx_aniso_B_tensor_eigenvector_2_ortho[1]     ? 
_reflns.pdbx_aniso_B_tensor_eigenvector_2_ortho[2]     ? 
_reflns.pdbx_aniso_B_tensor_eigenvector_2_ortho[3]     ? 
_reflns.pdbx_aniso_B_tensor_eigenvector_3_ortho[1]     ? 
_reflns.pdbx_aniso_B_tensor_eigenvector_3_ortho[2]     ? 
_reflns.pdbx_aniso_B_tensor_eigenvector_3_ortho[3]     ? 
_reflns.pdbx_aniso_B_tensor_eigenvalue_1               ? 
_reflns.pdbx_aniso_B_tensor_eigenvalue_2               ? 
_reflns.pdbx_aniso_B_tensor_eigenvalue_3               ? 
_reflns.pdbx_orthogonalization_convention              ? 
_reflns.pdbx_percent_possible_ellipsoidal              ? 
_reflns.pdbx_percent_possible_spherical                ? 
_reflns.pdbx_percent_possible_ellipsoidal_anomalous    ? 
_reflns.pdbx_percent_possible_spherical_anomalous      ? 
_reflns.pdbx_redundancy_anomalous                      ? 
_reflns.pdbx_CC_half_anomalous                         ? 
_reflns.pdbx_absDiff_over_sigma_anomalous              ? 
_reflns.pdbx_percent_possible_anomalous                ? 
_reflns.pdbx_observed_signal_threshold                 ? 
_reflns.pdbx_signal_type                               ? 
_reflns.pdbx_signal_details                            ? 
_reflns.pdbx_signal_software_id                        ? 
# 
_reflns_shell.d_res_high                                    1.12 
_reflns_shell.d_res_low                                     1.16 
_reflns_shell.meanI_over_sigI_all                           ? 
_reflns_shell.meanI_over_sigI_obs                           6.03 
_reflns_shell.number_measured_all                           ? 
_reflns_shell.number_measured_obs                           ? 
_reflns_shell.number_possible                               ? 
_reflns_shell.number_unique_all                             ? 
_reflns_shell.number_unique_obs                             635 
_reflns_shell.percent_possible_obs                          ? 
_reflns_shell.Rmerge_F_all                                  ? 
_reflns_shell.Rmerge_F_obs                                  ? 
_reflns_shell.meanI_over_sigI_gt                            ? 
_reflns_shell.meanI_over_uI_all                             ? 
_reflns_shell.meanI_over_uI_gt                              ? 
_reflns_shell.number_measured_gt                            ? 
_reflns_shell.number_unique_gt                              ? 
_reflns_shell.percent_possible_gt                           ? 
_reflns_shell.Rmerge_F_gt                                   ? 
_reflns_shell.Rmerge_I_gt                                   ? 
_reflns_shell.pdbx_redundancy                               5.5 
_reflns_shell.pdbx_chi_squared                              ? 
_reflns_shell.pdbx_netI_over_sigmaI_all                     ? 
_reflns_shell.pdbx_netI_over_sigmaI_obs                     ? 
_reflns_shell.pdbx_Rrim_I_all                               0.3814 
_reflns_shell.pdbx_Rpim_I_all                               0.1615 
_reflns_shell.pdbx_rejects                                  ? 
_reflns_shell.pdbx_ordinal                                  1 
_reflns_shell.pdbx_diffrn_id                                1 
_reflns_shell.pdbx_CC_half                                  0.969 
_reflns_shell.pdbx_CC_star                                  0.992 
_reflns_shell.pdbx_R_split                                  ? 
_reflns_shell.percent_possible_all                          91.21 
_reflns_shell.Rmerge_I_all                                  ? 
_reflns_shell.Rmerge_I_obs                                  0.3439 
_reflns_shell.pdbx_Rsym_value                               ? 
_reflns_shell.pdbx_percent_possible_ellipsoidal             ? 
_reflns_shell.pdbx_percent_possible_spherical               ? 
_reflns_shell.pdbx_percent_possible_ellipsoidal_anomalous   ? 
_reflns_shell.pdbx_percent_possible_spherical_anomalous     ? 
_reflns_shell.pdbx_redundancy_anomalous                     ? 
_reflns_shell.pdbx_CC_half_anomalous                        ? 
_reflns_shell.pdbx_absDiff_over_sigma_anomalous             ? 
_reflns_shell.pdbx_percent_possible_anomalous               ? 
# 
_refine.aniso_B[1][1]                            ? 
_refine.aniso_B[1][2]                            ? 
_refine.aniso_B[1][3]                            ? 
_refine.aniso_B[2][2]                            ? 
_refine.aniso_B[2][3]                            ? 
_refine.aniso_B[3][3]                            ? 
_refine.B_iso_max                                ? 
_refine.B_iso_mean                               9.50 
_refine.B_iso_min                                ? 
_refine.correlation_coeff_Fo_to_Fc               ? 
_refine.correlation_coeff_Fo_to_Fc_free          ? 
_refine.details                                  ? 
_refine.diff_density_max                         ? 
_refine.diff_density_max_esd                     ? 
_refine.diff_density_min                         ? 
_refine.diff_density_min_esd                     ? 
_refine.diff_density_rms                         ? 
_refine.diff_density_rms_esd                     ? 
_refine.entry_id                                 8V59 
_refine.pdbx_refine_id                           'X-RAY DIFFRACTION' 
_refine.ls_abs_structure_details                 ? 
_refine.ls_abs_structure_Flack                   ? 
_refine.ls_abs_structure_Flack_esd               ? 
_refine.ls_abs_structure_Rogers                  ? 
_refine.ls_abs_structure_Rogers_esd              ? 
_refine.ls_d_res_high                            1.12 
_refine.ls_d_res_low                             15.87 
_refine.ls_extinction_coef                       ? 
_refine.ls_extinction_coef_esd                   ? 
_refine.ls_extinction_expression                 ? 
_refine.ls_extinction_method                     ? 
_refine.ls_goodness_of_fit_all                   ? 
_refine.ls_goodness_of_fit_all_esd               ? 
_refine.ls_goodness_of_fit_obs                   ? 
_refine.ls_goodness_of_fit_obs_esd               ? 
_refine.ls_hydrogen_treatment                    ? 
_refine.ls_matrix_type                           ? 
_refine.ls_number_constraints                    ? 
_refine.ls_number_parameters                     ? 
_refine.ls_number_reflns_all                     ? 
_refine.ls_number_reflns_obs                     6964 
_refine.ls_number_reflns_R_free                  1264 
_refine.ls_number_reflns_R_work                  11514 
_refine.ls_number_restraints                     ? 
_refine.ls_percent_reflns_obs                    96.93 
_refine.ls_percent_reflns_R_free                 9.89 
_refine.ls_R_factor_all                          ? 
_refine.ls_R_factor_obs                          0.1333 
_refine.ls_R_factor_R_free                       0.1535 
_refine.ls_R_factor_R_free_error                 ? 
_refine.ls_R_factor_R_free_error_details         ? 
_refine.ls_R_factor_R_work                       0.1311 
_refine.ls_R_Fsqd_factor_obs                     ? 
_refine.ls_R_I_factor_obs                        ? 
_refine.ls_redundancy_reflns_all                 ? 
_refine.ls_redundancy_reflns_obs                 ? 
_refine.ls_restrained_S_all                      ? 
_refine.ls_restrained_S_obs                      ? 
_refine.ls_shift_over_esd_max                    ? 
_refine.ls_shift_over_esd_mean                   ? 
_refine.ls_structure_factor_coef                 ? 
_refine.ls_weighting_details                     ? 
_refine.ls_weighting_scheme                      ? 
_refine.ls_wR_factor_all                         ? 
_refine.ls_wR_factor_obs                         ? 
_refine.ls_wR_factor_R_free                      ? 
_refine.ls_wR_factor_R_work                      ? 
_refine.occupancy_max                            ? 
_refine.occupancy_min                            ? 
_refine.solvent_model_details                    'FLAT BULK SOLVENT MODEL' 
_refine.solvent_model_param_bsol                 ? 
_refine.solvent_model_param_ksol                 ? 
_refine.pdbx_R_complete                          ? 
_refine.ls_R_factor_gt                           ? 
_refine.ls_goodness_of_fit_gt                    ? 
_refine.ls_goodness_of_fit_ref                   ? 
_refine.ls_shift_over_su_max                     ? 
_refine.ls_shift_over_su_max_lt                  ? 
_refine.ls_shift_over_su_mean                    ? 
_refine.ls_shift_over_su_mean_lt                 ? 
_refine.pdbx_ls_sigma_I                          ? 
_refine.pdbx_ls_sigma_F                          1.38 
_refine.pdbx_ls_sigma_Fsqd                       ? 
_refine.pdbx_data_cutoff_high_absF               ? 
_refine.pdbx_data_cutoff_high_rms_absF           ? 
_refine.pdbx_data_cutoff_low_absF                ? 
_refine.pdbx_isotropic_thermal_model             ? 
_refine.pdbx_ls_cross_valid_method               'FREE R-VALUE' 
_refine.pdbx_method_to_determine_struct          'MOLECULAR REPLACEMENT' 
_refine.pdbx_starting_model                      ? 
_refine.pdbx_stereochemistry_target_values       'GeoStd + Monomer Library + CDL v1.2' 
_refine.pdbx_R_Free_selection_details            ? 
_refine.pdbx_stereochem_target_val_spec_case     ? 
_refine.pdbx_overall_ESU_R                       ? 
_refine.pdbx_overall_ESU_R_Free                  ? 
_refine.pdbx_solvent_vdw_probe_radii             1.1000 
_refine.pdbx_solvent_ion_probe_radii             ? 
_refine.pdbx_solvent_shrinkage_radii             0.9000 
_refine.pdbx_real_space_R                        ? 
_refine.pdbx_density_correlation                 ? 
_refine.pdbx_pd_number_of_powder_patterns        ? 
_refine.pdbx_pd_number_of_points                 ? 
_refine.pdbx_pd_meas_number_of_points            ? 
_refine.pdbx_pd_proc_ls_prof_R_factor            ? 
_refine.pdbx_pd_proc_ls_prof_wR_factor           ? 
_refine.pdbx_pd_Marquardt_correlation_coeff      ? 
_refine.pdbx_pd_Fsqrd_R_factor                   ? 
_refine.pdbx_pd_ls_matrix_band_width             ? 
_refine.pdbx_overall_phase_error                 17.3095 
_refine.pdbx_overall_SU_R_free_Cruickshank_DPI   ? 
_refine.pdbx_overall_SU_R_free_Blow_DPI          ? 
_refine.pdbx_overall_SU_R_Blow_DPI               ? 
_refine.pdbx_TLS_residual_ADP_flag               ? 
_refine.pdbx_diffrn_id                           1 
_refine.overall_SU_B                             ? 
_refine.overall_SU_ML                            0.0976 
_refine.overall_SU_R_Cruickshank_DPI             ? 
_refine.overall_SU_R_free                        ? 
_refine.overall_FOM_free_R_set                   ? 
_refine.overall_FOM_work_R_set                   ? 
_refine.pdbx_average_fsc_overall                 ? 
_refine.pdbx_average_fsc_work                    ? 
_refine.pdbx_average_fsc_free                    ? 
# 
_refine_hist.pdbx_refine_id                   'X-RAY DIFFRACTION' 
_refine_hist.cycle_id                         LAST 
_refine_hist.details                          ? 
_refine_hist.d_res_high                       1.12 
_refine_hist.d_res_low                        15.87 
_refine_hist.number_atoms_solvent             7 
_refine_hist.number_atoms_total               213 
_refine_hist.number_reflns_all                ? 
_refine_hist.number_reflns_obs                ? 
_refine_hist.number_reflns_R_free             ? 
_refine_hist.number_reflns_R_work             ? 
_refine_hist.R_factor_all                     ? 
_refine_hist.R_factor_obs                     ? 
_refine_hist.R_factor_R_free                  ? 
_refine_hist.R_factor_R_work                  ? 
_refine_hist.pdbx_number_residues_total       ? 
_refine_hist.pdbx_B_iso_mean_ligand           ? 
_refine_hist.pdbx_B_iso_mean_solvent          ? 
_refine_hist.pdbx_number_atoms_protein        166 
_refine_hist.pdbx_number_atoms_nucleic_acid   0 
_refine_hist.pdbx_number_atoms_ligand         40 
_refine_hist.pdbx_number_atoms_lipid          ? 
_refine_hist.pdbx_number_atoms_carb           ? 
_refine_hist.pdbx_pseudo_atom_details         ? 
# 
loop_
_refine_ls_restr.pdbx_refine_id 
_refine_ls_restr.criterion 
_refine_ls_restr.dev_ideal 
_refine_ls_restr.dev_ideal_target 
_refine_ls_restr.number 
_refine_ls_restr.rejects 
_refine_ls_restr.type 
_refine_ls_restr.weight 
_refine_ls_restr.pdbx_restraint_function 
'X-RAY DIFFRACTION' ? 0.0101  ? 254 ? f_bond_d           ? ? 
'X-RAY DIFFRACTION' ? 1.7084  ? 352 ? f_angle_d          ? ? 
'X-RAY DIFFRACTION' ? 0.0490  ? 26  ? f_chiral_restr     ? ? 
'X-RAY DIFFRACTION' ? 0.0101  ? 41  ? f_plane_restr      ? ? 
'X-RAY DIFFRACTION' ? 38.9443 ? 44  ? f_dihedral_angle_d ? ? 
# 
loop_
_refine_ls_shell.pdbx_refine_id 
_refine_ls_shell.d_res_high 
_refine_ls_shell.d_res_low 
_refine_ls_shell.number_reflns_all 
_refine_ls_shell.number_reflns_obs 
_refine_ls_shell.number_reflns_R_free 
_refine_ls_shell.number_reflns_R_work 
_refine_ls_shell.percent_reflns_obs 
_refine_ls_shell.percent_reflns_R_free 
_refine_ls_shell.R_factor_all 
_refine_ls_shell.R_factor_obs 
_refine_ls_shell.R_factor_R_free_error 
_refine_ls_shell.R_factor_R_work 
_refine_ls_shell.redundancy_reflns_all 
_refine_ls_shell.redundancy_reflns_obs 
_refine_ls_shell.wR_factor_all 
_refine_ls_shell.wR_factor_obs 
_refine_ls_shell.wR_factor_R_free 
_refine_ls_shell.wR_factor_R_work 
_refine_ls_shell.pdbx_R_complete 
_refine_ls_shell.pdbx_total_number_of_bins_used 
_refine_ls_shell.pdbx_phase_error 
_refine_ls_shell.pdbx_fsc_work 
_refine_ls_shell.pdbx_fsc_free 
_refine_ls_shell.R_factor_R_free 
'X-RAY DIFFRACTION' 1.12 1.16  . . 139 1218 90.89 . . . . 0.1473 . . . . . . . . . . . 0.1891 
'X-RAY DIFFRACTION' 1.16 1.22  . . 138 1260 99.22 . . . . 0.1310 . . . . . . . . . . . 0.2224 
'X-RAY DIFFRACTION' 1.22 1.28  . . 147 1363 98.69 . . . . 0.1300 . . . . . . . . . . . 0.1585 
'X-RAY DIFFRACTION' 1.28 1.36  . . 144 1259 98.94 . . . . 0.1289 . . . . . . . . . . . 0.1646 
'X-RAY DIFFRACTION' 1.36 1.47  . . 144 1333 98.60 . . . . 0.1286 . . . . . . . . . . . 0.1722 
'X-RAY DIFFRACTION' 1.47 1.61  . . 140 1216 94.43 . . . . 0.1426 . . . . . . . . . . . 0.1272 
'X-RAY DIFFRACTION' 1.62 1.85  . . 145 1290 98.83 . . . . 0.1305 . . . . . . . . . . . 0.1282 
'X-RAY DIFFRACTION' 1.85 2.33  . . 137 1306 97.90 . . . . 0.1250 . . . . . . . . . . . 0.1311 
'X-RAY DIFFRACTION' 2.33 15.87 . . 130 1269 95.17 . . . . 0.1305 . . . . . . . . . . . 0.1633 
# 
_struct.entry_id                     8V59 
_struct.title                        'UIC-1 mutant - UIC-1-B5I' 
_struct.pdbx_model_details           ? 
_struct.pdbx_formula_weight          ? 
_struct.pdbx_formula_weight_method   ? 
_struct.pdbx_model_type_details      ? 
_struct.pdbx_CASP_flag               N 
# 
_struct_keywords.entry_id        8V59 
_struct_keywords.text            'synthetic construct, DE NOVO PROTEIN' 
_struct_keywords.pdbx_keywords   'DE NOVO PROTEIN' 
# 
loop_
_struct_asym.id 
_struct_asym.pdbx_blank_PDB_chainid_flag 
_struct_asym.pdbx_modified 
_struct_asym.entity_id 
_struct_asym.details 
A N N 1 ? 
B N N 1 ? 
C N N 2 ? 
D N N 3 ? 
E N N 3 ? 
# 
_struct_ref.id                         1 
_struct_ref.db_name                    PDB 
_struct_ref.db_code                    8V59 
_struct_ref.pdbx_db_accession          8V59 
_struct_ref.pdbx_db_isoform            ? 
_struct_ref.entity_id                  1 
_struct_ref.pdbx_seq_one_letter_code   ? 
_struct_ref.pdbx_align_begin           1 
# 
loop_
_struct_ref_seq.align_id 
_struct_ref_seq.ref_id 
_struct_ref_seq.pdbx_PDB_id_code 
_struct_ref_seq.pdbx_strand_id 
_struct_ref_seq.seq_align_beg 
_struct_ref_seq.pdbx_seq_align_beg_ins_code 
_struct_ref_seq.seq_align_end 
_struct_ref_seq.pdbx_seq_align_end_ins_code 
_struct_ref_seq.pdbx_db_accession 
_struct_ref_seq.db_align_beg 
_struct_ref_seq.pdbx_db_align_beg_ins_code 
_struct_ref_seq.db_align_end 
_struct_ref_seq.pdbx_db_align_end_ins_code 
_struct_ref_seq.pdbx_auth_seq_align_beg 
_struct_ref_seq.pdbx_auth_seq_align_end 
1 1 8V59 A 1 ? 11 ? 8V59 1 ? 11 ? 1 11 
2 1 8V59 B 1 ? 11 ? 8V59 1 ? 11 ? 1 11 
# 
loop_
_pdbx_struct_assembly.id 
_pdbx_struct_assembly.details 
_pdbx_struct_assembly.method_details 
_pdbx_struct_assembly.oligomeric_details 
_pdbx_struct_assembly.oligomeric_count 
1 author_defined_assembly ? monomeric 1 
2 author_defined_assembly ? monomeric 1 
# 
loop_
_pdbx_struct_assembly_gen.assembly_id 
_pdbx_struct_assembly_gen.oper_expression 
_pdbx_struct_assembly_gen.asym_id_list 
1 1 A,C,D 
2 1 B,E   
# 
_pdbx_struct_oper_list.id                   1 
_pdbx_struct_oper_list.type                 'identity operation' 
_pdbx_struct_oper_list.name                 1_555 
_pdbx_struct_oper_list.symmetry_operation   x,y,z 
_pdbx_struct_oper_list.matrix[1][1]         1.0000000000 
_pdbx_struct_oper_list.matrix[1][2]         0.0000000000 
_pdbx_struct_oper_list.matrix[1][3]         0.0000000000 
_pdbx_struct_oper_list.vector[1]            0.0000000000 
_pdbx_struct_oper_list.matrix[2][1]         0.0000000000 
_pdbx_struct_oper_list.matrix[2][2]         1.0000000000 
_pdbx_struct_oper_list.matrix[2][3]         0.0000000000 
_pdbx_struct_oper_list.vector[2]            0.0000000000 
_pdbx_struct_oper_list.matrix[3][1]         0.0000000000 
_pdbx_struct_oper_list.matrix[3][2]         0.0000000000 
_pdbx_struct_oper_list.matrix[3][3]         1.0000000000 
_pdbx_struct_oper_list.vector[3]            0.0000000000 
# 
loop_
_struct_conf.conf_type_id 
_struct_conf.id 
_struct_conf.pdbx_PDB_helix_id 
_struct_conf.beg_label_comp_id 
_struct_conf.beg_label_asym_id 
_struct_conf.beg_label_seq_id 
_struct_conf.pdbx_beg_PDB_ins_code 
_struct_conf.end_label_comp_id 
_struct_conf.end_label_asym_id 
_struct_conf.end_label_seq_id 
_struct_conf.pdbx_end_PDB_ins_code 
_struct_conf.beg_auth_comp_id 
_struct_conf.beg_auth_asym_id 
_struct_conf.beg_auth_seq_id 
_struct_conf.end_auth_comp_id 
_struct_conf.end_auth_asym_id 
_struct_conf.end_auth_seq_id 
_struct_conf.pdbx_PDB_helix_class 
_struct_conf.details 
_struct_conf.pdbx_PDB_helix_length 
HELX_P HELX_P1 AA1 LEU A 2 ? AIB A 7  ? LEU A 2 AIB A 7  1 ? 6 
HELX_P HELX_P2 AA2 GLN A 8 ? LEU A 10 ? GLN A 8 LEU A 10 5 ? 3 
HELX_P HELX_P3 AA3 AIB B 3 ? GLN B 8  ? AIB B 3 GLN B 8  1 ? 6 
# 
_struct_conf_type.id          HELX_P 
_struct_conf_type.criteria    ? 
_struct_conf_type.reference   ? 
# 
loop_
_struct_conn.id 
_struct_conn.conn_type_id 
_struct_conn.pdbx_leaving_atom_flag 
_struct_conn.pdbx_PDB_id 
_struct_conn.ptnr1_label_asym_id 
_struct_conn.ptnr1_label_comp_id 
_struct_conn.ptnr1_label_seq_id 
_struct_conn.ptnr1_label_atom_id 
_struct_conn.pdbx_ptnr1_label_alt_id 
_struct_conn.pdbx_ptnr1_PDB_ins_code 
_struct_conn.pdbx_ptnr1_standard_comp_id 
_struct_conn.ptnr1_symmetry 
_struct_conn.ptnr2_label_asym_id 
_struct_conn.ptnr2_label_comp_id 
_struct_conn.ptnr2_label_seq_id 
_struct_conn.ptnr2_label_atom_id 
_struct_conn.pdbx_ptnr2_label_alt_id 
_struct_conn.pdbx_ptnr2_PDB_ins_code 
_struct_conn.ptnr1_auth_asym_id 
_struct_conn.ptnr1_auth_comp_id 
_struct_conn.ptnr1_auth_seq_id 
_struct_conn.ptnr2_auth_asym_id 
_struct_conn.ptnr2_auth_comp_id 
_struct_conn.ptnr2_auth_seq_id 
_struct_conn.ptnr2_symmetry 
_struct_conn.pdbx_ptnr3_label_atom_id 
_struct_conn.pdbx_ptnr3_label_seq_id 
_struct_conn.pdbx_ptnr3_label_comp_id 
_struct_conn.pdbx_ptnr3_label_asym_id 
_struct_conn.pdbx_ptnr3_label_alt_id 
_struct_conn.pdbx_ptnr3_PDB_ins_code 
_struct_conn.details 
_struct_conn.pdbx_dist_value 
_struct_conn.pdbx_value_order 
_struct_conn.pdbx_role 
covale1  covale one  ? A I6W 1  C02 ? ? ? 1_555 A LEU 2  N   ? ? A I6W 1  A LEU 2  1_555 ? ? ? ? ? ? ? 1.423 ? ? 
covale2  covale both ? A LEU 2  C   ? ? ? 1_555 A AIB 3  N   ? ? A LEU 2  A AIB 3  1_555 ? ? ? ? ? ? ? 1.327 ? ? 
covale3  covale both ? A AIB 3  C   ? ? ? 1_555 A ALA 4  N   ? ? A AIB 3  A ALA 4  1_555 ? ? ? ? ? ? ? 1.332 ? ? 
covale4  covale both ? A LEU 6  C   ? ? ? 1_555 A AIB 7  N   ? ? A LEU 6  A AIB 7  1_555 ? ? ? ? ? ? ? 1.332 ? ? 
covale5  covale both ? A AIB 7  C   ? ? ? 1_555 A GLN 8  N   ? ? A AIB 7  A GLN 8  1_555 ? ? ? ? ? ? ? 1.329 ? ? 
covale6  covale both ? A GLN 8  C   ? ? ? 1_555 A AIB 9  N   ? ? A GLN 8  A AIB 9  1_555 ? ? ? ? ? ? ? 1.331 ? ? 
covale7  covale both ? A AIB 9  C   ? ? ? 1_555 A LEU 10 N   A ? A AIB 9  A LEU 10 1_555 ? ? ? ? ? ? ? 1.338 ? ? 
covale8  covale both ? A AIB 9  C   ? ? ? 1_555 A LEU 10 N   B ? A AIB 9  A LEU 10 1_555 ? ? ? ? ? ? ? 1.328 ? ? 
covale9  covale one  ? A LEU 10 C   A ? ? 1_555 A I77 11 N15 A ? A LEU 10 A I77 11 1_555 ? ? ? ? ? ? ? 1.424 ? ? 
covale10 covale one  ? A LEU 10 C   B ? ? 1_555 A I77 11 N15 B ? A LEU 10 A I77 11 1_555 ? ? ? ? ? ? ? 1.430 ? ? 
covale11 covale one  ? B I6W 1  C02 ? ? ? 1_555 B LEU 2  N   ? ? B I6W 1  B LEU 2  1_555 ? ? ? ? ? ? ? 1.419 ? ? 
covale12 covale both ? B LEU 2  C   ? ? ? 1_555 B AIB 3  N   ? ? B LEU 2  B AIB 3  1_555 ? ? ? ? ? ? ? 1.331 ? ? 
covale13 covale both ? B AIB 3  C   ? ? ? 1_555 B ALA 4  N   ? ? B AIB 3  B ALA 4  1_555 ? ? ? ? ? ? ? 1.325 ? ? 
covale14 covale both ? B LEU 6  C   ? ? ? 1_555 B AIB 7  N   ? ? B LEU 6  B AIB 7  1_555 ? ? ? ? ? ? ? 1.330 ? ? 
covale15 covale both ? B AIB 7  C   ? ? ? 1_555 B GLN 8  N   ? ? B AIB 7  B GLN 8  1_555 ? ? ? ? ? ? ? 1.332 ? ? 
covale16 covale both ? B GLN 8  C   ? ? ? 1_555 B AIB 9  N   ? ? B GLN 8  B AIB 9  1_555 ? ? ? ? ? ? ? 1.330 ? ? 
covale17 covale both ? B AIB 9  C   ? ? ? 1_555 B LEU 10 N   ? ? B AIB 9  B LEU 10 1_555 ? ? ? ? ? ? ? 1.331 ? ? 
covale18 covale one  ? B LEU 10 C   ? ? ? 1_555 B I77 11 N15 ? ? B LEU 10 B I77 11 1_555 ? ? ? ? ? ? ? 1.417 ? ? 
# 
_struct_conn_type.id          covale 
_struct_conn_type.criteria    ? 
_struct_conn_type.reference   ? 
# 
loop_
_space_group_symop.id 
_space_group_symop.operation_xyz 
1 x,y,z           
2 -x,y,-z         
3 x+1/2,y+1/2,z   
4 -x+1/2,y+1/2,-z 
# 
_pdbx_entry_details.entry_id                   8V59 
_pdbx_entry_details.nonpolymer_details         ? 
_pdbx_entry_details.sequence_details           ? 
_pdbx_entry_details.compound_details           ? 
_pdbx_entry_details.source_details             ? 
_pdbx_entry_details.has_ligand_of_interest     Y 
_pdbx_entry_details.has_protein_modification   ? 
# 
loop_
_chem_comp_atom.comp_id 
_chem_comp_atom.atom_id 
_chem_comp_atom.type_symbol 
_chem_comp_atom.pdbx_aromatic_flag 
_chem_comp_atom.pdbx_stereo_config 
_chem_comp_atom.pdbx_ordinal 
AIB N    N N N 1   
AIB CA   C N N 2   
AIB C    C N N 3   
AIB O    O N N 4   
AIB OXT  O N N 5   
AIB CB1  C N N 6   
AIB CB2  C N N 7   
AIB H    H N N 8   
AIB H2   H N N 9   
AIB HXT  H N N 10  
AIB HB11 H N N 11  
AIB HB12 H N N 12  
AIB HB13 H N N 13  
AIB HB21 H N N 14  
AIB HB22 H N N 15  
AIB HB23 H N N 16  
ALA N    N N N 17  
ALA CA   C N S 18  
ALA C    C N N 19  
ALA O    O N N 20  
ALA CB   C N N 21  
ALA OXT  O N N 22  
ALA H    H N N 23  
ALA H2   H N N 24  
ALA HA   H N N 25  
ALA HB1  H N N 26  
ALA HB2  H N N 27  
ALA HB3  H N N 28  
ALA HXT  H N N 29  
GLN N    N N N 30  
GLN CA   C N S 31  
GLN C    C N N 32  
GLN O    O N N 33  
GLN CB   C N N 34  
GLN CG   C N N 35  
GLN CD   C N N 36  
GLN OE1  O N N 37  
GLN NE2  N N N 38  
GLN OXT  O N N 39  
GLN H    H N N 40  
GLN H2   H N N 41  
GLN HA   H N N 42  
GLN HB2  H N N 43  
GLN HB3  H N N 44  
GLN HG2  H N N 45  
GLN HG3  H N N 46  
GLN HE21 H N N 47  
GLN HE22 H N N 48  
GLN HXT  H N N 49  
HOH O    O N N 50  
HOH H1   H N N 51  
HOH H2   H N N 52  
I6W C05  C Y N 53  
I6W C08  C Y N 54  
I6W C09  C Y N 55  
I6W N10  N Y N 56  
I6W C02  C N N 57  
I6W C03  C Y N 58  
I6W C04  C Y N 59  
I6W C06  C Y N 60  
I6W C11  C Y N 61  
I6W C12  C Y N 62  
I6W C13  C N N 63  
I6W C15  C N N 64  
I6W C16  C N N 65  
I6W C18  C Y N 66  
I6W C19  C Y N 67  
I6W N07  N Y N 68  
I6W O01  O N N 69  
I6W O14  O N N 70  
I6W O17  O N N 71  
I6W H051 H N N 72  
I6W H1   H N N 73  
I6W H041 H N N 74  
I6W H061 H N N 75  
I6W H111 H N N 76  
I6W H152 H N N 77  
I6W H151 H N N 78  
I6W H162 H N N 79  
I6W H163 H N N 80  
I6W H161 H N N 81  
I6W H181 H N N 82  
I6W H191 H N N 83  
I77 C11  C Y N 84  
I77 C12  C Y N 85  
I77 C13  C N N 86  
I77 C17  C Y N 87  
I77 C18  C Y N 88  
I77 C02  C N N 89  
I77 C03  C Y N 90  
I77 C04  C Y N 91  
I77 C05  C Y N 92  
I77 C06  C Y N 93  
I77 C08  C Y N 94  
I77 C09  C Y N 95  
I77 N01  N N N 96  
I77 N07  N Y N 97  
I77 N10  N Y N 98  
I77 N14  N N N 99  
I77 N15  N N N 100 
I77 O16  O N N 101 
I77 O19  O N N 102 
I77 H111 H N N 103 
I77 H171 H N N 104 
I77 H181 H N N 105 
I77 H041 H N N 106 
I77 H051 H N N 107 
I77 H061 H N N 108 
I77 H011 H N N 109 
I77 H012 H N N 110 
I77 H141 H N N 111 
I77 H1   H N N 112 
I77 H2   H N N 113 
ILE N    N N N 114 
ILE CA   C N S 115 
ILE C    C N N 116 
ILE O    O N N 117 
ILE CB   C N S 118 
ILE CG1  C N N 119 
ILE CG2  C N N 120 
ILE CD1  C N N 121 
ILE OXT  O N N 122 
ILE H    H N N 123 
ILE H2   H N N 124 
ILE HA   H N N 125 
ILE HB   H N N 126 
ILE HG12 H N N 127 
ILE HG13 H N N 128 
ILE HG21 H N N 129 
ILE HG22 H N N 130 
ILE HG23 H N N 131 
ILE HD11 H N N 132 
ILE HD12 H N N 133 
ILE HD13 H N N 134 
ILE HXT  H N N 135 
LEU N    N N N 136 
LEU CA   C N S 137 
LEU C    C N N 138 
LEU O    O N N 139 
LEU CB   C N N 140 
LEU CG   C N N 141 
LEU CD1  C N N 142 
LEU CD2  C N N 143 
LEU OXT  O N N 144 
LEU H    H N N 145 
LEU H2   H N N 146 
LEU HA   H N N 147 
LEU HB2  H N N 148 
LEU HB3  H N N 149 
LEU HG   H N N 150 
LEU HD11 H N N 151 
LEU HD12 H N N 152 
LEU HD13 H N N 153 
LEU HD21 H N N 154 
LEU HD22 H N N 155 
LEU HD23 H N N 156 
LEU HXT  H N N 157 
MOH C    C N N 158 
MOH O    O N N 159 
MOH H1   H N N 160 
MOH H2   H N N 161 
MOH H3   H N N 162 
MOH HO   H N N 163 
# 
loop_
_chem_comp_bond.comp_id 
_chem_comp_bond.atom_id_1 
_chem_comp_bond.atom_id_2 
_chem_comp_bond.value_order 
_chem_comp_bond.pdbx_aromatic_flag 
_chem_comp_bond.pdbx_stereo_config 
_chem_comp_bond.pdbx_ordinal 
AIB N   CA   sing N N 1   
AIB N   H    sing N N 2   
AIB N   H2   sing N N 3   
AIB CA  C    sing N N 4   
AIB CA  CB1  sing N N 5   
AIB CA  CB2  sing N N 6   
AIB C   O    doub N N 7   
AIB C   OXT  sing N N 8   
AIB OXT HXT  sing N N 9   
AIB CB1 HB11 sing N N 10  
AIB CB1 HB12 sing N N 11  
AIB CB1 HB13 sing N N 12  
AIB CB2 HB21 sing N N 13  
AIB CB2 HB22 sing N N 14  
AIB CB2 HB23 sing N N 15  
ALA N   CA   sing N N 16  
ALA N   H    sing N N 17  
ALA N   H2   sing N N 18  
ALA CA  C    sing N N 19  
ALA CA  CB   sing N N 20  
ALA CA  HA   sing N N 21  
ALA C   O    doub N N 22  
ALA C   OXT  sing N N 23  
ALA CB  HB1  sing N N 24  
ALA CB  HB2  sing N N 25  
ALA CB  HB3  sing N N 26  
ALA OXT HXT  sing N N 27  
GLN N   CA   sing N N 28  
GLN N   H    sing N N 29  
GLN N   H2   sing N N 30  
GLN CA  C    sing N N 31  
GLN CA  CB   sing N N 32  
GLN CA  HA   sing N N 33  
GLN C   O    doub N N 34  
GLN C   OXT  sing N N 35  
GLN CB  CG   sing N N 36  
GLN CB  HB2  sing N N 37  
GLN CB  HB3  sing N N 38  
GLN CG  CD   sing N N 39  
GLN CG  HG2  sing N N 40  
GLN CG  HG3  sing N N 41  
GLN CD  OE1  doub N N 42  
GLN CD  NE2  sing N N 43  
GLN NE2 HE21 sing N N 44  
GLN NE2 HE22 sing N N 45  
GLN OXT HXT  sing N N 46  
HOH O   H1   sing N N 47  
HOH O   H2   sing N N 48  
I6W O01 C02  doub N N 49  
I6W C02 C03  sing N N 50  
I6W C03 C06  doub Y N 51  
I6W C03 C04  sing Y N 52  
I6W C06 N07  sing Y N 53  
I6W C04 C05  doub Y N 54  
I6W N07 C08  doub Y N 55  
I6W C05 C08  sing Y N 56  
I6W C08 C09  sing N N 57  
I6W C09 C19  doub Y N 58  
I6W C09 N10  sing Y N 59  
I6W C19 C18  sing Y N 60  
I6W N10 C11  doub Y N 61  
I6W C18 C12  doub Y N 62  
I6W C11 C12  sing Y N 63  
I6W C12 C13  sing N N 64  
I6W C13 O17  doub N N 65  
I6W C13 O14  sing N N 66  
I6W O14 C15  sing N N 67  
I6W C15 C16  sing N N 68  
I6W C05 H051 sing N N 69  
I6W C02 H1   sing N N 70  
I6W C04 H041 sing N N 71  
I6W C06 H061 sing N N 72  
I6W C11 H111 sing N N 73  
I6W C15 H152 sing N N 74  
I6W C15 H151 sing N N 75  
I6W C16 H162 sing N N 76  
I6W C16 H163 sing N N 77  
I6W C16 H161 sing N N 78  
I6W C18 H181 sing N N 79  
I6W C19 H191 sing N N 80  
I77 N15 N14  sing N N 81  
I77 O16 C13  doub N N 82  
I77 N14 C13  sing N N 83  
I77 C13 C12  sing N N 84  
I77 C12 C17  doub Y N 85  
I77 C12 C11  sing Y N 86  
I77 C17 C18  sing Y N 87  
I77 C11 N10  doub Y N 88  
I77 C18 C09  doub Y N 89  
I77 N10 C09  sing Y N 90  
I77 C09 C08  sing N N 91  
I77 C08 N07  doub Y N 92  
I77 C08 C05  sing Y N 93  
I77 N07 C06  sing Y N 94  
I77 C05 C04  doub Y N 95  
I77 C06 C03  doub Y N 96  
I77 C04 C03  sing Y N 97  
I77 C03 C02  sing N N 98  
I77 C02 N01  sing N N 99  
I77 C02 O19  doub N N 100 
I77 C11 H111 sing N N 101 
I77 C17 H171 sing N N 102 
I77 C18 H181 sing N N 103 
I77 C04 H041 sing N N 104 
I77 C05 H051 sing N N 105 
I77 C06 H061 sing N N 106 
I77 N01 H011 sing N N 107 
I77 N01 H012 sing N N 108 
I77 N14 H141 sing N N 109 
I77 N15 H1   sing N N 110 
I77 N15 H2   sing N N 111 
ILE N   CA   sing N N 112 
ILE N   H    sing N N 113 
ILE N   H2   sing N N 114 
ILE CA  C    sing N N 115 
ILE CA  CB   sing N N 116 
ILE CA  HA   sing N N 117 
ILE C   O    doub N N 118 
ILE C   OXT  sing N N 119 
ILE CB  CG1  sing N N 120 
ILE CB  CG2  sing N N 121 
ILE CB  HB   sing N N 122 
ILE CG1 CD1  sing N N 123 
ILE CG1 HG12 sing N N 124 
ILE CG1 HG13 sing N N 125 
ILE CG2 HG21 sing N N 126 
ILE CG2 HG22 sing N N 127 
ILE CG2 HG23 sing N N 128 
ILE CD1 HD11 sing N N 129 
ILE CD1 HD12 sing N N 130 
ILE CD1 HD13 sing N N 131 
ILE OXT HXT  sing N N 132 
LEU N   CA   sing N N 133 
LEU N   H    sing N N 134 
LEU N   H2   sing N N 135 
LEU CA  C    sing N N 136 
LEU CA  CB   sing N N 137 
LEU CA  HA   sing N N 138 
LEU C   O    doub N N 139 
LEU C   OXT  sing N N 140 
LEU CB  CG   sing N N 141 
LEU CB  HB2  sing N N 142 
LEU CB  HB3  sing N N 143 
LEU CG  CD1  sing N N 144 
LEU CG  CD2  sing N N 145 
LEU CG  HG   sing N N 146 
LEU CD1 HD11 sing N N 147 
LEU CD1 HD12 sing N N 148 
LEU CD1 HD13 sing N N 149 
LEU CD2 HD21 sing N N 150 
LEU CD2 HD22 sing N N 151 
LEU CD2 HD23 sing N N 152 
LEU OXT HXT  sing N N 153 
MOH C   O    sing N N 154 
MOH C   H1   sing N N 155 
MOH C   H2   sing N N 156 
MOH C   H3   sing N N 157 
MOH O   HO   sing N N 158 
# 
_pdbx_audit_support.funding_organization   'Department of Energy (DOE, United States)' 
_pdbx_audit_support.country                'United States' 
_pdbx_audit_support.grant_number           DE-AC02-06CH11357 
_pdbx_audit_support.ordinal                1 
# 
loop_
_pdbx_entity_instance_feature.ordinal 
_pdbx_entity_instance_feature.comp_id 
_pdbx_entity_instance_feature.asym_id 
_pdbx_entity_instance_feature.seq_num 
_pdbx_entity_instance_feature.auth_comp_id 
_pdbx_entity_instance_feature.auth_asym_id 
_pdbx_entity_instance_feature.auth_seq_num 
_pdbx_entity_instance_feature.feature_type 
_pdbx_entity_instance_feature.details 
1 AIB ? ? AIB ? ? 'SUBJECT OF INVESTIGATION' ? 
2 I6W ? ? I6W ? ? 'SUBJECT OF INVESTIGATION' ? 
3 I77 ? ? I77 ? ? 'SUBJECT OF INVESTIGATION' ? 
# 
_pdbx_initial_refinement_model.id               1 
_pdbx_initial_refinement_model.entity_id_list   ? 
_pdbx_initial_refinement_model.type             'experimental model' 
_pdbx_initial_refinement_model.source_name      PDB 
_pdbx_initial_refinement_model.accession_code   7TLS 
_pdbx_initial_refinement_model.details          ? 
# 
_space_group.name_H-M_alt     'C 1 2 1' 
_space_group.name_Hall        'C 2y' 
_space_group.IT_number        5 
_space_group.crystal_system   monoclinic 
_space_group.id               1 
# 
_atom_sites.entry_id                    8V59 
_atom_sites.Cartn_transf_matrix[1][1]   ? 
_atom_sites.Cartn_transf_matrix[1][2]   ? 
_atom_sites.Cartn_transf_matrix[1][3]   ? 
_atom_sites.Cartn_transf_matrix[2][1]   ? 
_atom_sites.Cartn_transf_matrix[2][2]   ? 
_atom_sites.Cartn_transf_matrix[2][3]   ? 
_atom_sites.Cartn_transf_matrix[3][1]   ? 
_atom_sites.Cartn_transf_matrix[3][2]   ? 
_atom_sites.Cartn_transf_matrix[3][3]   ? 
_atom_sites.Cartn_transf_vector[1]      ? 
_atom_sites.Cartn_transf_vector[2]      ? 
_atom_sites.Cartn_transf_vector[3]      ? 
_atom_sites.Cartn_transform_axes        ? 
_atom_sites.fract_transf_matrix[1][1]   0.01489997 
_atom_sites.fract_transf_matrix[1][2]   0.01143578 
_atom_sites.fract_transf_matrix[1][3]   -0.00132431 
_atom_sites.fract_transf_matrix[2][1]   -0.00855877 
_atom_sites.fract_transf_matrix[2][2]   0.02203821 
_atom_sites.fract_transf_matrix[2][3]   0.09400982 
_atom_sites.fract_transf_matrix[3][1]   0.02328616 
_atom_sites.fract_transf_matrix[3][2]   -0.02009594 
_atom_sites.fract_transf_matrix[3][3]   0.00683098 
_atom_sites.fract_transf_vector[1]      -0.249663 
_atom_sites.fract_transf_vector[2]      0.625245 
_atom_sites.fract_transf_vector[3]      0.243098 
_atom_sites.solution_primary            ? 
_atom_sites.solution_secondary          ? 
_atom_sites.solution_hydrogens          ? 
_atom_sites.special_details             ? 
# 
loop_
_atom_type.symbol 
_atom_type.scat_dispersion_real 
_atom_type.scat_dispersion_imag 
_atom_type.scat_Cromer_Mann_a1 
_atom_type.scat_Cromer_Mann_a2 
_atom_type.scat_Cromer_Mann_a3 
_atom_type.scat_Cromer_Mann_a4 
_atom_type.scat_Cromer_Mann_b1 
_atom_type.scat_Cromer_Mann_b2 
_atom_type.scat_Cromer_Mann_b3 
_atom_type.scat_Cromer_Mann_b4 
_atom_type.scat_Cromer_Mann_c 
_atom_type.scat_source 
_atom_type.scat_dispersion_source 
C ? ? 3.54356 2.42580 ? ? 25.62398 1.50364 ? ? 0.0 
;2-Gaussian fit: Grosse-Kunstleve RW, Sauter NK, Adams PD: Newsletter of the IUCr Commission on Crystallographic Computing 2004, 3, 22-31.
;
? 
H ? ? 0.51345 0.48472 ? ? 24.73122 6.32584 ? ? 0.0 
;2-Gaussian fit: Grosse-Kunstleve RW, Sauter NK, Adams PD: Newsletter of the IUCr Commission on Crystallographic Computing 2004, 3, 22-31.
;
? 
N ? ? 4.01032 2.96436 ? ? 19.97189 1.75589 ? ? 0.0 
;2-Gaussian fit: Grosse-Kunstleve RW, Sauter NK, Adams PD: Newsletter of the IUCr Commission on Crystallographic Computing 2004, 3, 22-31.
;
? 
O ? ? 4.49882 3.47563 ? ? 15.80542 1.70748 ? ? 0.0 
;2-Gaussian fit: Grosse-Kunstleve RW, Sauter NK, Adams PD: Newsletter of the IUCr Commission on Crystallographic Computing 2004, 3, 22-31.
;
? 
# 
loop_
_atom_site.group_PDB 
_atom_site.id 
_atom_site.type_symbol 
_atom_site.label_atom_id 
_atom_site.label_alt_id 
_atom_site.label_comp_id 
_atom_site.label_asym_id 
_atom_site.label_entity_id 
_atom_site.label_seq_id 
_atom_site.pdbx_PDB_ins_code 
_atom_site.Cartn_x 
_atom_site.Cartn_y 
_atom_site.Cartn_z 
_atom_site.occupancy 
_atom_site.B_iso_or_equiv 
_atom_site.pdbx_formal_charge 
_atom_site.auth_seq_id 
_atom_site.auth_comp_id 
_atom_site.auth_asym_id 
_atom_site.auth_atom_id 
_atom_site.pdbx_PDB_model_num 
HETATM 1   C C05  . I6W A 1 1  ? 17.03174  -7.09359  -1.31639 1.000 6.32094  ? 1   I6W A C05  1 
HETATM 2   C C08  . I6W A 1 1  ? 17.64494  -5.89779  -1.58511 1.000 6.45620  ? 1   I6W A C08  1 
HETATM 3   C C09  . I6W A 1 1  ? 19.14076  -5.78432  -1.57493 1.000 7.38272  ? 1   I6W A C09  1 
HETATM 4   N N10  . I6W A 1 1  ? 19.85085  -6.86715  -1.44774 1.000 12.21062 ? 1   I6W A N10  1 
HETATM 5   C C02  . I6W A 1 1  ? 13.45912  -6.00696  -1.95135 1.000 5.48918  ? 1   I6W A C02  1 
HETATM 6   C C03  . I6W A 1 1  ? 14.96853  -6.02964  -1.79781 1.000 5.43584  ? 1   I6W A C03  1 
HETATM 7   C C04  . I6W A 1 1  ? 15.63550  -7.17390  -1.41364 1.000 6.44047  ? 1   I6W A C04  1 
HETATM 8   C C06  . I6W A 1 1  ? 15.65029  -4.85947  -2.05219 1.000 5.35869  ? 1   I6W A C06  1 
HETATM 9   C C11  . I6W A 1 1  ? 21.17058  -6.79400  -1.50814 1.000 12.97340 ? 1   I6W A C11  1 
HETATM 10  C C12  . I6W A 1 1  ? 21.81353  -5.58645  -1.74895 1.000 10.48982 ? 1   I6W A C12  1 
HETATM 11  C C13  . I6W A 1 1  ? 23.35310  -5.51323  -1.83394 1.000 12.40211 ? 1   I6W A C13  1 
HETATM 12  C C15  . I6W A 1 1  ? 25.36575  -6.75315  -1.88267 1.000 18.78076 ? 1   I6W A C15  1 
HETATM 13  C C16  . I6W A 1 1  ? 25.75274  -8.23816  -2.10360 1.000 20.90592 ? 1   I6W A C16  1 
HETATM 14  C C18  . I6W A 1 1  ? 21.10673  -4.45690  -1.92421 1.000 8.89916  ? 1   I6W A C18  1 
HETATM 15  C C19  . I6W A 1 1  ? 19.73080  -4.57234  -1.85994 1.000 7.32218  ? 1   I6W A C19  1 
HETATM 16  N N07  . I6W A 1 1  ? 16.97517  -4.81217  -1.96599 1.000 6.44772  ? 1   I6W A N07  1 
HETATM 17  O O01  . I6W A 1 1  ? 12.79511  -5.00052  -1.88732 1.000 5.90293  ? 1   I6W A O01  1 
HETATM 18  O O14  . I6W A 1 1  ? 23.98196  -6.70511  -1.47491 1.000 16.14685 ? 1   I6W A O14  1 
HETATM 19  O O17  . I6W A 1 1  ? 23.95005  -4.56409  -2.20869 1.000 12.57226 ? 1   I6W A O17  1 
HETATM 20  H H051 . I6W A 1 1  ? 17.60758  -7.94884  -1.03788 1.000 7.58734  ? 1   I6W A H051 1 
HETATM 21  H H041 . I6W A 1 1  ? 15.08609  -8.12384  -1.18964 1.000 7.73078  ? 1   I6W A H041 1 
HETATM 22  H H061 . I6W A 1 1  ? 15.09769  -3.96567  -2.32632 1.000 6.43264  ? 1   I6W A H061 1 
HETATM 23  H H111 . I6W A 1 1  ? 21.75037  -7.67655  -1.36969 1.000 15.57029 ? 1   I6W A H111 1 
HETATM 24  H H152 . I6W A 1 1  ? 25.99042  -6.32334  -1.10941 1.000 22.53912 ? 1   I6W A H152 1 
HETATM 25  H H151 . I6W A 1 1  ? 25.49510  -6.20019  -2.80484 1.000 22.53912 ? 1   I6W A H151 1 
HETATM 26  H H162 . I6W A 1 1  ? 26.71181  -8.44828  -1.59442 1.000 25.08932 ? 1   I6W A H162 1 
HETATM 27  H H163 . I6W A 1 1  ? 25.85932  -8.43351  -3.18698 1.000 25.08932 ? 1   I6W A H163 1 
HETATM 28  H H161 . I6W A 1 1  ? 24.96274  -8.89036  -1.68676 1.000 25.08932 ? 1   I6W A H161 1 
HETATM 29  H H181 . I6W A 1 1  ? 21.59248  -3.49853  -2.10768 1.000 10.68120 ? 1   I6W A H181 1 
HETATM 30  H H191 . I6W A 1 1  ? 19.10794  -3.69783  -2.03608 1.000 8.78883  ? 1   I6W A H191 1 
ATOM   31  N N    . LEU A 1 2  ? 12.90027  -7.26071  -2.32485 1.000 5.47046  ? 2   LEU A N    1 
ATOM   32  C CA   . LEU A 1 2  ? 11.51849  -7.24391  -2.75341 1.000 5.71316  ? 2   LEU A CA   1 
ATOM   33  C C    . LEU A 1 2  ? 10.58219  -6.69531  -1.68527 1.000 5.73209  ? 2   LEU A C    1 
ATOM   34  O O    . LEU A 1 2  ? 9.67229   -5.91087  -1.98747 1.000 6.38164  ? 2   LEU A O    1 
ATOM   35  C CB   . LEU A 1 2  ? 11.10479  -8.65758  -3.13812 1.000 6.65659  ? 2   LEU A CB   1 
ATOM   36  C CG   . LEU A 1 2  ? 9.66605   -8.77811  -3.63957 1.000 8.15762  ? 2   LEU A CG   1 
ATOM   37  C CD1  . LEU A 1 2  ? 9.42291   -7.93750  -4.87123 1.000 8.32570  ? 2   LEU A CD1  1 
ATOM   38  C CD2  . LEU A 1 2  ? 9.32149   -10.22764 -3.92025 1.000 11.77844 ? 2   LEU A CD2  1 
ATOM   39  H H    . LEU A 1 2  ? 13.06375  -7.82497  -1.69726 1.000 6.56677  ? 2   LEU A H    1 
ATOM   40  H HA   . LEU A 1 2  ? 11.43154  -6.65710  -3.52087 1.000 6.85801  ? 2   LEU A HA   1 
ATOM   41  H HB2  . LEU A 1 2  ? 11.69030  -8.96897  -3.84600 1.000 7.99012  ? 2   LEU A HB2  1 
ATOM   42  H HB3  . LEU A 1 2  ? 11.19371  -9.22835  -2.35888 1.000 7.99012  ? 2   LEU A HB3  1 
ATOM   43  H HG   . LEU A 1 2  ? 9.07963   -8.44462  -2.94256 1.000 9.79135  ? 2   LEU A HG   1 
ATOM   44  H HD11 . LEU A 1 2  ? 9.30011   -7.01327  -4.60359 1.000 9.99305  ? 2   LEU A HD11 1 
ATOM   45  H HD12 . LEU A 1 2  ? 10.18953  -8.01206  -5.46084 1.000 9.99305  ? 2   LEU A HD12 1 
ATOM   46  H HD13 . LEU A 1 2  ? 8.62664   -8.26005  -5.32158 1.000 9.99305  ? 2   LEU A HD13 1 
ATOM   47  H HD21 . LEU A 1 2  ? 9.94535   -10.57959 -4.57435 1.000 14.13635 ? 2   LEU A HD21 1 
ATOM   48  H HD22 . LEU A 1 2  ? 9.38706   -10.73332 -3.09509 1.000 14.13635 ? 2   LEU A HD22 1 
ATOM   49  H HD23 . LEU A 1 2  ? 8.41675   -10.27581 -4.26671 1.000 14.13635 ? 2   LEU A HD23 1 
HETATM 50  N N    . AIB A 1 3  ? 10.79002  -7.09147  -0.43615 1.000 5.83773  ? 3   AIB A N    1 
HETATM 51  C CA   . AIB A 1 3  ? 9.93999   -6.63265  0.63853  1.000 6.74135  ? 3   AIB A CA   1 
HETATM 52  C C    . AIB A 1 3  ? 9.84014   -5.09021  0.65360  1.000 6.27944  ? 3   AIB A C    1 
HETATM 53  O O    . AIB A 1 3  ? 8.77261   -4.48784  0.73037  1.000 6.97841  ? 3   AIB A O    1 
HETATM 54  C CB1  . AIB A 1 3  ? 8.52627   -7.22518  0.50378  1.000 7.75778  ? 3   AIB A CB1  1 
HETATM 55  C CB2  . AIB A 1 3  ? 10.55067  -7.06646  1.97489  1.000 8.16002  ? 3   AIB A CB2  1 
HETATM 56  H H    . AIB A 1 3  ? 11.66784  -7.41611  -0.08116 1.000 7.00749  ? 3   AIB A H    1 
HETATM 57  H HB11 . AIB A 1 3  ? 8.05746   -6.86853  -0.44409 1.000 9.31155  ? 3   AIB A HB11 1 
HETATM 58  H HB12 . AIB A 1 3  ? 8.58513   -8.33952  0.48818  1.000 9.31155  ? 3   AIB A HB12 1 
HETATM 59  H HB13 . AIB A 1 3  ? 7.89885   -6.90229  1.36839  1.000 9.31155  ? 3   AIB A HB13 1 
HETATM 60  H HB21 . AIB A 1 3  ? 9.95569   -6.62199  2.80923  1.000 9.79424  ? 3   AIB A HB21 1 
HETATM 61  H HB22 . AIB A 1 3  ? 10.52589  -8.18113  2.04253  1.000 9.79424  ? 3   AIB A HB22 1 
HETATM 62  H HB23 . AIB A 1 3  ? 11.60665  -6.70612  2.02747  1.000 9.79424  ? 3   AIB A HB23 1 
ATOM   63  N N    . ALA A 1 4  ? 10.99795  -4.43485  0.58379  1.000 6.29046  ? 4   ALA A N    1 
ATOM   64  C CA   . ALA A 1 4  ? 11.04693  -2.97112  0.66364  1.000 7.00469  ? 4   ALA A CA   1 
ATOM   65  C C    . ALA A 1 4  ? 10.42732  -2.30314  -0.55191 1.000 6.22008  ? 4   ALA A C    1 
ATOM   66  O O    . ALA A 1 4  ? 9.86549   -1.21361  -0.44483 1.000 7.77334  ? 4   ALA A O    1 
ATOM   67  C CB   . ALA A 1 4  ? 12.48397  -2.49638  0.83664  1.000 8.34138  ? 4   ALA A CB   1 
ATOM   68  H H    . ALA A 1 4  ? 11.76588  -4.81065  0.49075  1.000 7.55076  ? 4   ALA A H    1 
ATOM   69  H HA   . ALA A 1 4  ? 10.53015  -2.70124  1.43889  1.000 8.40784  ? 4   ALA A HA   1 
ATOM   70  H HB1  . ALA A 1 4  ? 12.49195  -1.52811  0.89394  1.000 10.01187 ? 4   ALA A HB1  1 
ATOM   71  H HB2  . ALA A 1 4  ? 12.84711  -2.87892  1.65070  1.000 10.01187 ? 4   ALA A HB2  1 
ATOM   72  H HB3  . ALA A 1 4  ? 13.00662  -2.78685  0.07286  1.000 10.01187 ? 4   ALA A HB3  1 
ATOM   73  N N    A ILE A 1 5  ? 10.51721  -2.95423  -1.71194 0.278 6.32985  ? 5   ILE A N    1 
ATOM   74  N N    B ILE A 1 5  ? 10.54085  -2.94447  -1.71008 0.722 6.11387  ? 5   ILE A N    1 
ATOM   75  C CA   A ILE A 1 5  ? 9.93932   -2.36749  -2.91512 0.278 6.83653  ? 5   ILE A CA   1 
ATOM   76  C CA   B ILE A 1 5  ? 9.93580   -2.38736  -2.90869 0.722 6.48714  ? 5   ILE A CA   1 
ATOM   77  C C    A ILE A 1 5  ? 8.42031   -2.50476  -2.91307 0.278 6.38592  ? 5   ILE A C    1 
ATOM   78  C C    B ILE A 1 5  ? 8.41733   -2.48222  -2.83031 0.722 5.70160  ? 5   ILE A C    1 
ATOM   79  O O    A ILE A 1 5  ? 7.70325   -1.56864  -3.28893 0.278 6.70088  ? 5   ILE A O    1 
ATOM   80  O O    B ILE A 1 5  ? 7.69946   -1.50745  -3.08886 0.722 5.94263  ? 5   ILE A O    1 
ATOM   81  C CB   A ILE A 1 5  ? 10.60249  -2.94233  -4.18295 0.278 8.01889  ? 5   ILE A CB   1 
ATOM   82  C CB   B ILE A 1 5  ? 10.51176  -3.08566  -4.14967 0.722 8.61274  ? 5   ILE A CB   1 
ATOM   83  C CG1  A ILE A 1 5  ? 10.68910  -1.86582  -5.26820 0.278 9.25608  ? 5   ILE A CG1  1 
ATOM   84  C CG1  B ILE A 1 5  ? 11.99184  -2.73119  -4.30523 0.722 9.90765  ? 5   ILE A CG1  1 
ATOM   85  C CG2  A ILE A 1 5  ? 9.85049   -4.15765  -4.70721 0.278 8.93748  ? 5   ILE A CG2  1 
ATOM   86  C CG2  B ILE A 1 5  ? 9.75927   -2.71315  -5.38190 0.722 9.08965  ? 5   ILE A CG2  1 
ATOM   87  C CD1  A ILE A 1 5  ? 11.28740  -2.35660  -6.56433 0.278 9.37857  ? 5   ILE A CD1  1 
ATOM   88  C CD1  B ILE A 1 5  ? 12.78642  -3.71914  -5.12180 0.722 13.13220 ? 5   ILE A CD1  1 
ATOM   89  H H    A ILE A 1 5  ? 10.89801  -3.71707  -1.82450 0.278 7.59803  ? 5   ILE A H    1 
ATOM   90  H H    B ILE A 1 5  ? 10.95524  -3.68923  -1.82496 0.722 7.33886  ? 5   ILE A H    1 
ATOM   91  H HA   A ILE A 1 5  ? 10.13363  -1.41715  -2.91548 0.278 8.20606  ? 5   ILE A HA   1 
ATOM   92  H HA   B ILE A 1 5  ? 10.15460  -1.44459  -2.97364 0.722 7.78678  ? 5   ILE A HA   1 
ATOM   93  H HB   A ILE A 1 5  ? 11.49789  -3.22704  -3.94192 0.278 9.62489  ? 5   ILE A HB   1 
ATOM   94  H HB   B ILE A 1 5  ? 10.42155  -4.04320  -4.02365 0.722 10.33750 ? 5   ILE A HB   1 
ATOM   95  H HG12 A ILE A 1 5  ? 9.79474   -1.54215  -5.45865 0.278 11.10951 ? 5   ILE A HG12 1 
ATOM   96  H HG12 B ILE A 1 5  ? 12.05895  -1.86798  -4.74258 0.722 11.89140 ? 5   ILE A HG12 1 
ATOM   97  H HG13 A ILE A 1 5  ? 11.24277  -1.13879  -4.94298 0.278 11.10951 ? 5   ILE A HG13 1 
ATOM   98  H HG13 B ILE A 1 5  ? 12.39411  -2.68859  -3.42360 0.722 11.89140 ? 5   ILE A HG13 1 
ATOM   99  H HG21 A ILE A 1 5  ? 10.41227  -4.62598  -5.34437 0.278 10.72719 ? 5   ILE A HG21 1 
ATOM   100 H HG21 B ILE A 1 5  ? 10.11385  -3.21516  -6.13235 0.722 10.90980 ? 5   ILE A HG21 1 
ATOM   101 H HG22 A ILE A 1 5  ? 9.63644   -4.74181  -3.96300 0.278 10.72719 ? 5   ILE A HG22 1 
ATOM   102 H HG22 B ILE A 1 5  ? 8.82129   -2.92555  -5.25546 0.722 10.90980 ? 5   ILE A HG22 1 
ATOM   103 H HG23 A ILE A 1 5  ? 9.03474   -3.86154  -5.14054 0.278 10.72719 ? 5   ILE A HG23 1 
ATOM   104 H HG23 B ILE A 1 5  ? 9.86455   -1.76207  -5.54083 0.722 10.90980 ? 5   ILE A HG23 1 
ATOM   105 H HD11 A ILE A 1 5  ? 11.68007  -1.60508  -7.03543 0.278 11.25650 ? 5   ILE A HD11 1 
ATOM   106 H HD11 B ILE A 1 5  ? 12.40662  -3.77014  -6.01289 0.722 15.76085 ? 5   ILE A HD11 1 
ATOM   107 H HD12 A ILE A 1 5  ? 11.97026  -3.01664  -6.36701 0.278 11.25650 ? 5   ILE A HD12 1 
ATOM   108 H HD12 B ILE A 1 5  ? 13.70756  -3.41927  -5.17149 0.722 15.76085 ? 5   ILE A HD12 1 
ATOM   109 H HD13 A ILE A 1 5  ? 10.58735  -2.75607  -7.10402 0.278 11.25650 ? 5   ILE A HD13 1 
ATOM   110 H HD13 B ILE A 1 5  ? 12.74425  -4.58868  -4.69400 0.722 15.76085 ? 5   ILE A HD13 1 
ATOM   111 N N    . LEU A 1 6  ? 7.89638   -3.65455  -2.49157 1.000 5.71549  ? 6   LEU A N    1 
ATOM   112 C CA   . LEU A 1 6  ? 6.44356   -3.81441  -2.39727 1.000 5.59002  ? 6   LEU A CA   1 
ATOM   113 C C    . LEU A 1 6  ? 5.86221   -2.92056  -1.30794 1.000 5.66882  ? 6   LEU A C    1 
ATOM   114 O O    . LEU A 1 6  ? 4.74481   -2.41226  -1.44920 1.000 6.05853  ? 6   LEU A O    1 
ATOM   115 C CB   . LEU A 1 6  ? 6.04513   -5.27342  -2.15822 1.000 5.71646  ? 6   LEU A CB   1 
ATOM   116 C CG   . LEU A 1 6  ? 6.48966   -6.25332  -3.23420 1.000 6.06029  ? 6   LEU A CG   1 
ATOM   117 C CD1  . LEU A 1 6  ? 5.95743   -7.63143  -2.89707 1.000 5.86298  ? 6   LEU A CD1  1 
ATOM   118 C CD2  . LEU A 1 6  ? 6.03923   -5.84958  -4.61481 1.000 6.81224  ? 6   LEU A CD2  1 
ATOM   119 H H    . LEU A 1 6  ? 8.35127   -4.36241  -2.31382 1.000 6.86080  ? 6   LEU A H    1 
ATOM   120 H HA   . LEU A 1 6  ? 6.05559   -3.55084  -3.24634 1.000 6.71025  ? 6   LEU A HA   1 
ATOM   121 H HB2  . LEU A 1 6  ? 6.43865   -5.56392  -1.32058 1.000 6.86197  ? 6   LEU A HB2  1 
ATOM   122 H HB3  . LEU A 1 6  ? 5.07777   -5.32069  -2.10433 1.000 6.86197  ? 6   LEU A HB3  1 
ATOM   123 H HG   . LEU A 1 6  ? 7.45938   -6.26243  -3.25556 1.000 7.27456  ? 6   LEU A HG   1 
ATOM   124 H HD11 . LEU A 1 6  ? 6.15824   -8.23530  -3.62914 1.000 7.03779  ? 6   LEU A HD11 1 
ATOM   125 H HD12 . LEU A 1 6  ? 6.38359   -7.94430  -2.08381 1.000 7.03779  ? 6   LEU A HD12 1 
ATOM   126 H HD13 . LEU A 1 6  ? 4.99771   -7.57632  -2.76749 1.000 7.03779  ? 6   LEU A HD13 1 
ATOM   127 H HD21 . LEU A 1 6  ? 6.50590   -5.04005  -4.87511 1.000 8.17690  ? 6   LEU A HD21 1 
ATOM   128 H HD22 . LEU A 1 6  ? 6.24611   -6.56503  -5.23630 1.000 8.17690  ? 6   LEU A HD22 1 
ATOM   129 H HD23 . LEU A 1 6  ? 5.08256   -5.68994  -4.60079 1.000 8.17690  ? 6   LEU A HD23 1 
HETATM 130 N N    . AIB A 1 7  ? 6.61326   -2.75946  -0.21984 1.000 5.73039  ? 7   AIB A N    1 
HETATM 131 C CA   . AIB A 1 7  ? 6.22147   -1.89860  0.86807  1.000 6.09934  ? 7   AIB A CA   1 
HETATM 132 C C    . AIB A 1 7  ? 5.89151   -0.45310  0.45817  1.000 5.90674  ? 7   AIB A C    1 
HETATM 133 O O    . AIB A 1 7  ? 5.21163   0.30370   1.15443  1.000 6.32074  ? 7   AIB A O    1 
HETATM 134 C CB1  . AIB A 1 7  ? 4.98096   -2.46811  1.60226  1.000 7.45608  ? 7   AIB A CB1  1 
HETATM 135 C CB2  . AIB A 1 7  ? 7.36606   -1.76354  1.87764  1.000 6.84379  ? 7   AIB A CB2  1 
HETATM 136 H H    . AIB A 1 7  ? 7.28495   -3.42847  0.10147  1.000 6.87868  ? 7   AIB A H    1 
HETATM 137 H HB11 . AIB A 1 7  ? 4.17123   -2.68019  0.86415  1.000 8.94952  ? 7   AIB A HB11 1 
HETATM 138 H HB12 . AIB A 1 7  ? 5.25586   -3.41331  2.12808  1.000 8.94952  ? 7   AIB A HB12 1 
HETATM 139 H HB13 . AIB A 1 7  ? 4.61208   -1.72573  2.34942  1.000 8.94952  ? 7   AIB A HB13 1 
HETATM 140 H HB21 . AIB A 1 7  ? 7.03636   -1.10417  2.71682  1.000 8.21476  ? 7   AIB A HB21 1 
HETATM 141 H HB22 . AIB A 1 7  ? 7.62746   -2.77604  2.27032  1.000 8.21476  ? 7   AIB A HB22 1 
HETATM 142 H HB23 . AIB A 1 7  ? 8.25185   -1.31394  1.36683  1.000 8.21476  ? 7   AIB A HB23 1 
ATOM   143 N N    . GLN A 1 8  ? 6.36653   -0.05748  -0.71850 1.000 6.13451  ? 8   GLN A N    1 
ATOM   144 C CA   . GLN A 1 8  ? 6.09689   1.29485   -1.19596 1.000 6.20807  ? 8   GLN A CA   1 
ATOM   145 C C    . GLN A 1 8  ? 4.59644   1.51393   -1.43835 1.000 5.96768  ? 8   GLN A C    1 
ATOM   146 O O    . GLN A 1 8  ? 4.15839   2.66457   -1.51998 1.000 6.29391  ? 8   GLN A O    1 
ATOM   147 C CB   . GLN A 1 8  ? 6.89414   1.59009   -2.46457 1.000 7.57980  ? 8   GLN A CB   1 
ATOM   148 C CG   . GLN A 1 8  ? 8.39538   1.60770   -2.26876 1.000 8.26404  ? 8   GLN A CG   1 
ATOM   149 C CD   . GLN A 1 8  ? 8.82038   2.43929   -1.08653 1.000 9.10929  ? 8   GLN A CD   1 
ATOM   150 O OE1  . GLN A 1 8  ? 8.47737   3.62079   -0.97767 1.000 11.30163 ? 8   GLN A OE1  1 
ATOM   151 N NE2  . GLN A 1 8  ? 9.59915   1.83823   -0.19878 1.000 10.15545 ? 8   GLN A NE2  1 
ATOM   152 H H    . GLN A 1 8  ? 6.83819   -0.54345  -1.24857 1.000 7.36362  ? 8   GLN A H    1 
ATOM   153 H HA   . GLN A 1 8  ? 6.37910   1.92741   -0.51689 1.000 7.45190  ? 8   GLN A HA   1 
ATOM   154 H HB2  . GLN A 1 8  ? 6.69196   0.90717   -3.12308 1.000 9.09797  ? 8   GLN A HB2  1 
ATOM   155 H HB3  . GLN A 1 8  ? 6.63150   2.46181   -2.79928 1.000 9.09797  ? 8   GLN A HB3  1 
ATOM   156 H HG2  . GLN A 1 8  ? 8.70574   0.70018   -2.12394 1.000 9.91906  ? 8   GLN A HG2  1 
ATOM   157 H HG3  . GLN A 1 8  ? 8.81307   1.97859   -3.06178 1.000 9.91906  ? 8   GLN A HG3  1 
ATOM   158 H HE21 . GLN A 1 8  ? 9.87082   2.26731   0.49525  1.000 12.18876 ? 8   GLN A HE21 1 
ATOM   159 H HE22 . GLN A 1 8  ? 9.83291   1.01904   -0.31665 1.000 12.18876 ? 8   GLN A HE22 1 
HETATM 160 N N    . AIB A 1 9  ? 3.81285   0.44278   -1.53633 1.000 5.68460  ? 9   AIB A N    1 
HETATM 161 C CA   . AIB A 1 9  ? 2.36424   0.54317   -1.56643 1.000 6.32871  ? 9   AIB A CA   1 
HETATM 162 C C    . AIB A 1 9  ? 1.82944   1.38671   -0.39613 1.000 6.60962  ? 9   AIB A C    1 
HETATM 163 O O    . AIB A 1 9  ? 0.79446   2.04402   -0.49606 1.000 8.06470  ? 9   AIB A O    1 
HETATM 164 C CB1  . AIB A 1 9  ? 1.87276   1.10726   -2.90921 1.000 7.80052  ? 9   AIB A CB1  1 
HETATM 165 C CB2  . AIB A 1 9  ? 1.77299   -0.86342  -1.39082 1.000 7.08570  ? 9   AIB A CB2  1 
HETATM 166 H H    . AIB A 1 9  ? 4.10269   -0.43040  -1.93070 1.000 6.82374  ? 9   AIB A H    1 
HETATM 167 H HB11 . AIB A 1 9  ? 2.23013   0.45803   -3.74362 1.000 9.36284  ? 9   AIB A HB11 1 
HETATM 168 H HB12 . AIB A 1 9  ? 0.75722   1.13765   -2.91899 1.000 9.36284  ? 9   AIB A HB12 1 
HETATM 169 H HB13 . AIB A 1 9  ? 2.26990   2.14048   -3.05139 1.000 9.36284  ? 9   AIB A HB13 1 
HETATM 170 H HB21 . AIB A 1 9  ? 2.09757   -1.50488  -2.24573 1.000 8.50505  ? 9   AIB A HB21 1 
HETATM 171 H HB22 . AIB A 1 9  ? 2.14165   -1.29666  -0.42952 1.000 8.50505  ? 9   AIB A HB22 1 
HETATM 172 H HB23 . AIB A 1 9  ? 0.65851   -0.79092  -1.37208 1.000 8.50505  ? 9   AIB A HB23 1 
ATOM   173 N N    A LEU A 1 10 ? 2.55719   1.28594   0.72233  0.370 6.38424  ? 10  LEU A N    1 
ATOM   174 N N    B LEU A 1 10 ? 2.52229   1.33942   0.73531  0.630 6.31338  ? 10  LEU A N    1 
ATOM   175 C CA   A LEU A 1 10 ? 2.20649   1.91679   1.99673  0.370 7.13060  ? 10  LEU A CA   1 
ATOM   176 C CA   B LEU A 1 10 ? 2.11536   2.14222   1.88526  0.630 7.23959  ? 10  LEU A CA   1 
ATOM   177 C C    A LEU A 1 10 ? 2.82747   3.29919   2.13243  0.370 7.48020  ? 10  LEU A C    1 
ATOM   178 C C    B LEU A 1 10 ? 3.21761   3.11441   2.31953  0.630 5.16812  ? 10  LEU A C    1 
ATOM   179 O O    A LEU A 1 10 ? 3.33648   3.66829   3.19168  0.370 9.21757  ? 10  LEU A O    1 
ATOM   180 O O    B LEU A 1 10 ? 3.14532   3.69735   3.41331  0.630 5.58749  ? 10  LEU A O    1 
ATOM   181 C CB   A LEU A 1 10 ? 2.66255   1.03877   3.17374  0.370 6.90948  ? 10  LEU A CB   1 
ATOM   182 C CB   B LEU A 1 10 ? 1.64535   1.25184   3.04527  0.630 7.48990  ? 10  LEU A CB   1 
ATOM   183 C CG   A LEU A 1 10 ? 1.68317   -0.04414  3.60401  0.370 7.57954  ? 10  LEU A CG   1 
ATOM   184 C CG   B LEU A 1 10 ? 2.57886   0.10950   3.46354  0.630 10.33863 ? 10  LEU A CG   1 
ATOM   185 C CD1  A LEU A 1 10 ? 1.49654   -1.06747  2.49393  0.370 9.07687  ? 10  LEU A CD1  1 
ATOM   186 C CD1  B LEU A 1 10 ? 3.84628   0.59036   4.17976  0.630 13.04325 ? 10  LEU A CD1  1 
ATOM   187 C CD2  A LEU A 1 10 ? 2.17091   -0.70976  4.87639  0.370 8.05253  ? 10  LEU A CD2  1 
ATOM   188 C CD2  B LEU A 1 10 ? 1.82424   -0.90343  4.33064  0.630 13.03554 ? 10  LEU A CD2  1 
ATOM   189 H H    A LEU A 1 10 ? 3.28984   0.83806   0.76952  0.370 7.66330  ? 10  LEU A H    1 
ATOM   190 H H    B LEU A 1 10 ? 3.22292   0.85711   0.86220  0.630 7.57827  ? 10  LEU A H    1 
ATOM   191 H HA   A LEU A 1 10 ? 1.24210   2.01512   2.03128  0.370 8.55893  ? 10  LEU A HA   1 
ATOM   192 H HA   B LEU A 1 10 ? 1.35456   2.68721   1.63021  0.630 8.68973  ? 10  LEU A HA   1 
ATOM   193 H HB2  A LEU A 1 10 ? 3.48880   0.59756   2.92163  0.370 8.29359  ? 10  LEU A HB2  1 
ATOM   194 H HB2  B LEU A 1 10 ? 1.52130   1.81632   3.82429  0.630 8.99009  ? 10  LEU A HB2  1 
ATOM   195 H HB3  A LEU A 1 10 ? 2.81374   1.61302   3.94072  0.370 8.29359  ? 10  LEU A HB3  1 
ATOM   196 H HB3  B LEU A 1 10 ? 0.80086   0.84879   2.78976  0.630 8.99009  ? 10  LEU A HB3  1 
ATOM   197 H HG   A LEU A 1 10 ? 0.81811   0.35627   3.78361  0.370 9.09766  ? 10  LEU A HG   1 
ATOM   198 H HG   B LEU A 1 10 ? 2.88028   -0.32523  2.65049  0.630 12.40858 ? 10  LEU A HG   1 
ATOM   199 H HD11 A LEU A 1 10 ? 0.88331   -1.75482  2.79789  0.370 10.89446 ? 10  LEU A HD11 1 
ATOM   200 H HD11 B LEU A 1 10 ? 4.37737   -0.18063  4.43359  0.630 15.65411 ? 10  LEU A HD11 1 
ATOM   201 H HD12 A LEU A 1 10 ? 1.13360   -0.62263  1.71208  0.370 10.89446 ? 10  LEU A HD12 1 
ATOM   202 H HD12 B LEU A 1 10 ? 4.35320   1.15755   3.57792  0.630 15.65411 ? 10  LEU A HD12 1 
ATOM   203 H HD13 A LEU A 1 10 ? 2.35647   -1.46226  2.28050  0.370 10.89446 ? 10  LEU A HD13 1 
ATOM   204 H HD13 B LEU A 1 10 ? 3.59148   1.09129   4.97035  0.630 15.65411 ? 10  LEU A HD13 1 
ATOM   205 H HD21 A LEU A 1 10 ? 1.53472   -1.39325  5.13910  0.370 9.66525  ? 10  LEU A HD21 1 
ATOM   206 H HD21 B LEU A 1 10 ? 2.43092   -1.61694  4.58312  0.630 15.64486 ? 10  LEU A HD21 1 
ATOM   207 H HD22 A LEU A 1 10 ? 3.03811   -1.11136  4.71027  0.370 9.66525  ? 10  LEU A HD22 1 
ATOM   208 H HD22 B LEU A 1 10 ? 1.49274   -0.45481  5.12422  0.630 15.64486 ? 10  LEU A HD22 1 
ATOM   209 H HD23 A LEU A 1 10 ? 2.24460   -0.04052  5.57465  0.370 9.66525  ? 10  LEU A HD23 1 
ATOM   210 H HD23 B LEU A 1 10 ? 1.08243   -1.26490  3.82079  0.630 15.64486 ? 10  LEU A HD23 1 
HETATM 211 C C11  A I77 A 1 11 ? 6.66554   6.92148   1.26264  0.718 8.60023  ? 11  I77 A C11  1 
HETATM 212 C C11  B I77 A 1 11 ? 6.90818   6.42053   1.35012  0.282 7.89154  ? 11  I77 A C11  1 
HETATM 213 C C12  A I77 A 1 11 ? 5.29251   7.10759   1.09651  0.718 7.05175  ? 11  I77 A C12  1 
HETATM 214 C C12  B I77 A 1 11 ? 5.61350   6.85650   1.10468  0.282 6.90816  ? 11  I77 A C12  1 
HETATM 215 C C13  A I77 A 1 11 ? 4.28749   5.97373   1.16789  0.718 6.32400  ? 11  I77 A C13  1 
HETATM 216 C C13  B I77 A 1 11 ? 4.44367   5.87098   1.14750  0.282 6.76777  ? 11  I77 A C13  1 
HETATM 217 C C17  A I77 A 1 11 ? 4.81500   8.36237   0.77927  0.718 8.98604  ? 11  I77 A C17  1 
HETATM 218 C C17  B I77 A 1 11 ? 5.40759   8.19518   0.78417  0.282 7.57181  ? 11  I77 A C17  1 
HETATM 219 C C18  A I77 A 1 11 ? 5.72151   9.38685   0.66178  0.718 8.82372  ? 11  I77 A C18  1 
HETATM 220 C C18  B I77 A 1 11 ? 6.50151   9.04510   0.73178  0.282 8.08185  ? 11  I77 A C18  1 
HETATM 221 C C02  A I77 A 1 11 ? 10.66319  13.59055  0.34329  0.718 12.28831 ? 11  I77 A C02  1 
HETATM 222 C C02  B I77 A 1 11 ? 12.36603  12.02932  0.75000  0.282 8.58693  ? 11  I77 A C02  1 
HETATM 223 C C03  A I77 A 1 11 ? 9.76917   12.34815  0.50369  0.718 10.33619 ? 11  I77 A C03  1 
HETATM 224 C C03  B I77 A 1 11 ? 11.16068  11.06232  0.84258  0.282 8.82430  ? 11  I77 A C03  1 
HETATM 225 C C04  A I77 A 1 11 ? 10.28503  11.15695  1.00769  0.718 9.62655  ? 11  I77 A C04  1 
HETATM 226 C C04  B I77 A 1 11 ? 11.32819  9.76726   1.30880  0.282 9.85217  ? 11  I77 A C04  1 
HETATM 227 C C05  A I77 A 1 11 ? 9.40294   10.08632  1.12410  0.718 9.24382  ? 11  I77 A C05  1 
HETATM 228 C C05  B I77 A 1 11 ? 10.20594  8.95535   1.36088  0.282 9.94083  ? 11  I77 A C05  1 
HETATM 229 C C06  A I77 A 1 11 ? 8.43914   12.44658  0.13858  0.718 10.62692 ? 11  I77 A C06  1 
HETATM 230 C C06  B I77 A 1 11 ? 9.91290   11.50249  0.44060  0.282 8.26579  ? 11  I77 A C06  1 
HETATM 231 C C08  A I77 A 1 11 ? 8.07399   10.25103  0.73901  0.718 8.68331  ? 11  I77 A C08  1 
HETATM 232 C C08  B I77 A 1 11 ? 8.97785   9.45012   0.95329  0.282 8.66980  ? 11  I77 A C08  1 
HETATM 233 C C09  A I77 A 1 11 ? 7.07613   9.12109   0.85512  0.718 8.08763  ? 11  I77 A C09  1 
HETATM 234 C C09  B I77 A 1 11 ? 7.76240   8.53854   1.00696  0.282 7.62281  ? 11  I77 A C09  1 
HETATM 235 N N01  A I77 A 1 11 ? 10.01098  14.88219  0.16523  0.718 14.43634 ? 11  I77 A N01  1 
HETATM 236 N N01  B I77 A 1 11 ? 12.08021  13.45618  0.72366  0.282 8.22092  ? 11  I77 A N01  1 
HETATM 237 N N07  A I77 A 1 11 ? 7.64588   11.40343  0.26281  0.718 9.50894  ? 11  I77 A N07  1 
HETATM 238 N N07  B I77 A 1 11 ? 8.87518   10.68966  0.50690  0.282 8.19444  ? 11  I77 A N07  1 
HETATM 239 N N10  A I77 A 1 11 ? 7.52105   7.92237   1.14571  0.718 8.87550  ? 11  I77 A N10  1 
HETATM 240 N N10  B I77 A 1 11 ? 7.92252   7.25911   1.29206  0.282 8.05410  ? 11  I77 A N10  1 
HETATM 241 N N14  A I77 A 1 11 ? 4.84709   4.65890   1.37527  0.718 6.11813  ? 11  I77 A N14  1 
HETATM 242 N N14  B I77 A 1 11 ? 4.76514   4.45281   1.02528  0.282 7.48061  ? 11  I77 A N14  1 
HETATM 243 N N15  A I77 A 1 11 ? 3.99940   3.54643   1.36205  0.718 6.03551  ? 11  I77 A N15  1 
HETATM 244 N N15  B I77 A 1 11 ? 3.72405   3.50299   1.03978  0.282 5.79728  ? 11  I77 A N15  1 
HETATM 245 O O16  A I77 A 1 11 ? 3.11945   6.16324   1.02448  0.718 7.14074  ? 11  I77 A O16  1 
HETATM 246 O O16  B I77 A 1 11 ? 3.31580   6.23060   1.25621  0.282 7.04978  ? 11  I77 A O16  1 
HETATM 247 O O19  A I77 A 1 11 ? 11.83951  13.47797  0.37744  0.718 12.44049 ? 11  I77 A O19  1 
HETATM 248 O O19  B I77 A 1 11 ? 13.48656  11.62366  0.68001  0.282 8.25155  ? 11  I77 A O19  1 
HETATM 249 H H111 A I77 A 1 11 ? 7.03846   5.93539   1.49242  0.718 10.32249 ? 11  I77 A H111 1 
HETATM 250 H H111 B I77 A 1 11 ? 7.08580   5.38386   1.59102  0.282 9.47206  ? 11  I77 A H111 1 
HETATM 251 H H171 A I77 A 1 11 ? 3.74972   8.53534   0.62642  0.718 10.78547 ? 11  I77 A H171 1 
HETATM 252 H H171 B I77 A 1 11 ? 4.40446   8.56850   0.57811  0.282 9.08839  ? 11  I77 A H171 1 
HETATM 253 H H181 A I77 A 1 11 ? 5.38677   10.39363  0.42077  0.718 10.59067 ? 11  I77 A H181 1 
HETATM 254 H H181 B I77 A 1 11 ? 6.37245   10.09524  0.47821  0.282 9.70044  ? 11  I77 A H181 1 
HETATM 255 H H041 A I77 A 1 11 ? 11.31648  11.06835  1.29355  0.718 11.55408 ? 11  I77 A H041 1 
HETATM 256 H H041 B I77 A 1 11 ? 12.29149  9.40680   1.61799  0.282 11.82482 ? 11  I77 A H041 1 
HETATM 257 H H051 A I77 A 1 11 ? 9.74614   9.13447   1.51025  0.718 11.09480 ? 11  I77 A H051 1 
HETATM 258 H H051 B I77 A 1 11 ? 10.28879  7.93674   1.71929  0.282 11.93122 ? 11  I77 A H051 1 
HETATM 259 H H061 A I77 A 1 11 ? 8.05142   13.37859  -0.24820 0.718 12.75452 ? 11  I77 A H061 1 
HETATM 260 H H061 B I77 A 1 11 ? 9.78757   12.51113  0.07250  0.282 9.92116  ? 11  I77 A H061 1 
HETATM 261 H H011 A I77 A 1 11 ? 9.01573   14.95072  0.14471  0.718 17.32583 ? 11  I77 A H011 1 
HETATM 262 H H011 B I77 A 1 11 ? 11.14082  13.78530  0.77579  0.282 9.86732  ? 11  I77 A H011 1 
HETATM 263 H H012 A I77 A 1 11 ? 10.56907  15.71486  0.06071  0.718 17.32583 ? 11  I77 A H012 1 
HETATM 264 H H012 B I77 A 1 11 ? 12.84152  14.11389  0.65865  0.282 9.86732  ? 11  I77 A H012 1 
HETATM 265 H H141 A I77 A 1 11 ? 5.83486   4.54410   1.52748  0.718 7.34397  ? 11  I77 A H141 1 
HETATM 266 H H141 B I77 A 1 11 ? 5.72160   4.15544   0.93147  0.282 8.97895  ? 11  I77 A H141 1 
HETATM 267 H H1   A I77 A 1 11 ? 3.30436   3.68453   0.64583  0.718 7.24483  ? 11  I77 A H1   1 
HETATM 268 H H1   B I77 A 1 11 ? 2.93605   3.87855   0.53243  0.282 6.95895  ? 11  I77 A H1   1 
HETATM 269 C C05  . I6W B 1 1  ? -16.44662 7.00159   -2.80818 1.000 6.86262  ? 1   I6W B C05  1 
HETATM 270 C C08  . I6W B 1 1  ? -17.08253 5.83913   -2.49895 1.000 6.94597  ? 1   I6W B C08  1 
HETATM 271 C C09  . I6W B 1 1  ? -18.56947 5.76194   -2.43062 1.000 8.87559  ? 1   I6W B C09  1 
HETATM 272 N N10  . I6W B 1 1  ? -19.25095 6.86284   -2.41957 1.000 15.29048 ? 1   I6W B N10  1 
HETATM 273 C C02  . I6W B 1 1  ? -12.88270 5.73554   -2.28876 1.000 6.28396  ? 1   I6W B C02  1 
HETATM 274 C C03  . I6W B 1 1  ? -14.39916 5.86860   -2.38875 1.000 6.55282  ? 1   I6W B C03  1 
HETATM 275 C C04  . I6W B 1 1  ? -15.05080 7.03879   -2.77561 1.000 6.96922  ? 1   I6W B C04  1 
HETATM 276 C C06  . I6W B 1 1  ? -15.11594 4.74225   -2.06567 1.000 6.73754  ? 1   I6W B C06  1 
HETATM 277 C C11  . I6W B 1 1  ? -20.55736 6.82545   -2.28498 1.000 16.70368 ? 1   I6W B C11  1 
HETATM 278 C C12  . I6W B 1 1  ? -21.22384 5.61696   -2.12077 1.000 15.44588 ? 1   I6W B C12  1 
HETATM 279 C C13  . I6W B 1 1  ? -22.75508 5.56834   -1.94229 1.000 20.02419 ? 1   I6W B C13  1 
HETATM 280 C C15  . I6W B 1 1  ? -24.76560 6.74624   -1.43331 1.000 24.59491 ? 1   I6W B C15  1 
HETATM 281 C C16  . I6W B 1 1  ? -25.44770 6.89344   -2.81087 1.000 25.88208 ? 1   I6W B C16  1 
HETATM 282 C C18  . I6W B 1 1  ? -20.53272 4.46576   -2.07703 1.000 12.00433 ? 1   I6W B C18  1 
HETATM 283 C C19  . I6W B 1 1  ? -19.16494 4.55912   -2.22789 1.000 10.70487 ? 1   I6W B C19  1 
HETATM 284 N N07  . I6W B 1 1  ? -16.43057 4.75051   -2.11611 1.000 6.96945  ? 1   I6W B N07  1 
HETATM 285 O O01  . I6W B 1 1  ? -12.36957 4.77851   -1.77558 1.000 6.68817  ? 1   I6W B O01  1 
HETATM 286 O O14  . I6W B 1 1  ? -23.35929 6.81391   -1.69588 1.000 23.29180 ? 1   I6W B O14  1 
HETATM 287 O O17  . I6W B 1 1  ? -23.35564 4.55712   -1.95489 1.000 21.29244 ? 1   I6W B O17  1 
HETATM 288 H H051 . I6W B 1 1  ? -17.00653 7.87203   -3.07171 1.000 8.23736  ? 1   I6W B H051 1 
HETATM 289 H H041 . I6W B 1 1  ? -14.48150 7.96427   -3.04724 1.000 8.36528  ? 1   I6W B H041 1 
HETATM 290 H H061 . I6W B 1 1  ? -14.59323 3.83855   -1.76648 1.000 8.08726  ? 1   I6W B H061 1 
HETATM 291 H H111 . I6W B 1 1  ? -21.11342 7.73360   -2.30193 1.000 20.04664 ? 1   I6W B H111 1 
HETATM 292 H H152 . I6W B 1 1  ? -25.06642 7.55159   -0.77467 1.000 29.51611 ? 1   I6W B H152 1 
HETATM 293 H H151 . I6W B 1 1  ? -25.02110 5.79411   -0.98491 1.000 29.51611 ? 1   I6W B H151 1 
HETATM 294 H H162 . I6W B 1 1  ? -25.30410 7.92449   -3.18444 1.000 31.06071 ? 1   I6W B H162 1 
HETATM 295 H H163 . I6W B 1 1  ? -26.52911 6.68439   -2.71038 1.000 31.06071 ? 1   I6W B H163 1 
HETATM 296 H H161 . I6W B 1 1  ? -24.99768 6.17671   -3.52292 1.000 31.06071 ? 1   I6W B H161 1 
HETATM 297 H H181 . I6W B 1 1  ? -21.02711 3.50555   -1.92977 1.000 14.40741 ? 1   I6W B H181 1 
HETATM 298 H H191 . I6W B 1 1  ? -18.55640 3.65829   -2.18387 1.000 12.84806 ? 1   I6W B H191 1 
ATOM   299 N N    . LEU B 1 2  ? -12.11801 6.87579   -2.64851 1.000 6.40976  ? 2   LEU B N    1 
ATOM   300 C CA   . LEU B 1 2  ? -10.69305 6.62624   -2.66511 1.000 6.37327  ? 2   LEU B CA   1 
ATOM   301 C C    . LEU B 1 2  ? -10.13535 6.36771   -1.26947 1.000 5.76460  ? 2   LEU B C    1 
ATOM   302 O O    . LEU B 1 2  ? -9.14857  5.65002   -1.12788 1.000 6.68005  ? 2   LEU B O    1 
ATOM   303 C CB   . LEU B 1 2  ? -9.98910  7.80784   -3.34761 1.000 7.03272  ? 2   LEU B CB   1 
ATOM   304 C CG   . LEU B 1 2  ? -8.50571  7.64770   -3.63943 1.000 6.23145  ? 2   LEU B CG   1 
ATOM   305 C CD1  . LEU B 1 2  ? -8.27143  6.53861   -4.62454 1.000 8.66833  ? 2   LEU B CD1  1 
ATOM   306 C CD2  . LEU B 1 2  ? -7.92939  8.93114   -4.16650 1.000 8.04058  ? 2   LEU B CD2  1 
ATOM   307 H H    . LEU B 1 2  ? -12.34566 7.54517   -2.16017 1.000 7.69393  ? 2   LEU B H    1 
ATOM   308 H HA   . LEU B 1 2  ? -10.50581 5.82080   -3.17218 1.000 7.65014  ? 2   LEU B HA   1 
ATOM   309 H HB2  . LEU B 1 2  ? -10.42945 7.96825   -4.19688 1.000 8.44148  ? 2   LEU B HB2  1 
ATOM   310 H HB3  . LEU B 1 2  ? -10.08294 8.58400   -2.77343 1.000 8.44148  ? 2   LEU B HB3  1 
ATOM   311 H HG   . LEU B 1 2  ? -8.05190  7.42167   -2.81247 1.000 7.47995  ? 2   LEU B HG   1 
ATOM   312 H HD11 . LEU B 1 2  ? -7.32206  6.48059   -4.81486 1.000 10.40421 ? 2   LEU B HD11 1 
ATOM   313 H HD12 . LEU B 1 2  ? -8.58346  5.70419   -4.24076 1.000 10.40421 ? 2   LEU B HD12 1 
ATOM   314 H HD13 . LEU B 1 2  ? -8.76099  6.73139   -5.43945 1.000 10.40421 ? 2   LEU B HD13 1 
ATOM   315 H HD21 . LEU B 1 2  ? -6.98653  8.80069   -4.35336 1.000 9.65091  ? 2   LEU B HD21 1 
ATOM   316 H HD22 . LEU B 1 2  ? -8.39697  9.17666   -4.98012 1.000 9.65091  ? 2   LEU B HD22 1 
ATOM   317 H HD23 . LEU B 1 2  ? -8.04121  9.62540   -3.49836 1.000 9.65091  ? 2   LEU B HD23 1 
HETATM 318 N N    . AIB B 1 3  ? -10.75912 6.96284   -0.25535 1.000 5.80829  ? 3   AIB B N    1 
HETATM 319 C CA   . AIB B 1 3  ? -10.35067 6.76058   1.13052  1.000 6.03700  ? 3   AIB B CA   1 
HETATM 320 C C    . AIB B 1 3  ? -10.28433 5.24437   1.45031  1.000 5.86103  ? 3   AIB B C    1 
HETATM 321 O O    . AIB B 1 3  ? -9.28585  4.70819   1.91781  1.000 6.26519  ? 3   AIB B O    1 
HETATM 322 C CB1  . AIB B 1 3  ? -8.97498  7.38295   1.44584  1.000 6.79437  ? 3   AIB B CB1  1 
HETATM 323 C CB2  . AIB B 1 3  ? -11.40465 7.37548   2.07178  1.000 6.84288  ? 3   AIB B CB2  1 
HETATM 324 H H    . AIB B 1 3  ? -11.70513 7.28820   -0.29028 1.000 6.97216  ? 3   AIB B H    1 
HETATM 325 H HB11 . AIB B 1 3  ? -8.21845  7.01512   0.71248  1.000 8.15546  ? 3   AIB B HB11 1 
HETATM 326 H HB12 . AIB B 1 3  ? -9.04086  8.49503   1.37948  1.000 8.15546  ? 3   AIB B HB12 1 
HETATM 327 H HB13 . AIB B 1 3  ? -8.65858  7.09431   2.47639  1.000 8.15546  ? 3   AIB B HB13 1 
HETATM 328 H HB21 . AIB B 1 3  ? -11.04686 7.28866   3.12637  1.000 8.21367  ? 3   AIB B HB21 1 
HETATM 329 H HB22 . AIB B 1 3  ? -11.54742 8.45109   1.80647  1.000 8.21367  ? 3   AIB B HB22 1 
HETATM 330 H HB23 . AIB B 1 3  ? -12.36809 6.82334   1.95088  1.000 8.21367  ? 3   AIB B HB23 1 
ATOM   331 N N    . ALA B 1 4  ? -11.37306 4.54830   1.15762  1.000 5.74611  ? 4   ALA B N    1 
ATOM   332 C CA   . ALA B 1 4  ? -11.45561 3.12073   1.42718  1.000 6.77054  ? 4   ALA B CA   1 
ATOM   333 C C    . ALA B 1 4  ? -10.56136 2.31193   0.49253  1.000 7.57886  ? 4   ALA B C    1 
ATOM   334 O O    . ALA B 1 4  ? -10.01047 1.27837   0.88567  1.000 8.72284  ? 4   ALA B O    1 
ATOM   335 C CB   . ALA B 1 4  ? -12.89288 2.61983   1.33023  1.000 7.64376  ? 4   ALA B CB   1 
ATOM   336 H H    . ALA B 1 4  ? -12.08123 4.88086   0.80059  1.000 6.89754  ? 4   ALA B H    1 
ATOM   337 H HA   . ALA B 1 4  ? -11.14794 2.97925   2.33613  1.000 8.12686  ? 4   ALA B HA   1 
ATOM   338 H HB1  . ALA B 1 4  ? -12.90170 1.65855   1.45968  1.000 9.17473  ? 4   ALA B HB1  1 
ATOM   339 H HB2  . ALA B 1 4  ? -13.42461 3.05103   2.01741  1.000 9.17473  ? 4   ALA B HB2  1 
ATOM   340 H HB3  . ALA B 1 4  ? -13.24513 2.83876   0.45337  1.000 9.17473  ? 4   ALA B HB3  1 
ATOM   341 N N    A ILE B 1 5  ? -10.42818 2.75009   -0.76045 0.624 7.99545  ? 5   ILE B N    1 
ATOM   342 N N    B ILE B 1 5  ? -10.42192 2.78451   -0.74763 0.376 8.30340  ? 5   ILE B N    1 
ATOM   343 C CA   A ILE B 1 5  ? -9.52754  2.06562   -1.68317 0.624 8.34229  ? 5   ILE B CA   1 
ATOM   344 C CA   B ILE B 1 5  ? -9.54853  2.11771   -1.70879 0.376 8.98793  ? 5   ILE B CA   1 
ATOM   345 C C    A ILE B 1 5  ? -8.10923  2.08379   -1.13499 0.624 8.52614  ? 5   ILE B C    1 
ATOM   346 C C    B ILE B 1 5  ? -8.11599  2.10478   -1.19204 0.376 9.15783  ? 5   ILE B C    1 
ATOM   347 O O    A ILE B 1 5  ? -7.43815  1.04830   -1.05872 0.624 9.27427  ? 5   ILE B O    1 
ATOM   348 O O    B ILE B 1 5  ? -7.44408  1.06660   -1.18742 0.376 9.88288  ? 5   ILE B O    1 
ATOM   349 C CB   A ILE B 1 5  ? -9.61142  2.69067   -3.08933 0.624 9.60583  ? 5   ILE B CB   1 
ATOM   350 C CB   B ILE B 1 5  ? -9.65137  2.80477   -3.08399 0.376 10.08464 ? 5   ILE B CB   1 
ATOM   351 C CG1  A ILE B 1 5  ? -10.91660 2.26783   -3.77849 0.624 11.63360 ? 5   ILE B CG1  1 
ATOM   352 C CG1  B ILE B 1 5  ? -10.98829 2.47777   -3.75885 0.376 11.50028 ? 5   ILE B CG1  1 
ATOM   353 C CG2  A ILE B 1 5  ? -8.37198  2.33068   -3.92945 0.624 11.04119 ? 5   ILE B CG2  1 
ATOM   354 C CG2  B ILE B 1 5  ? -8.48281  2.40889   -3.97871 0.376 10.82852 ? 5   ILE B CG2  1 
ATOM   355 C CD1  A ILE B 1 5  ? -10.88416 2.35709   -5.28963 0.624 12.14355 ? 5   ILE B CD1  1 
ATOM   356 C CD1  B ILE B 1 5  ? -11.03328 1.12120   -4.41148 0.376 11.67464 ? 5   ILE B CD1  1 
ATOM   357 H H    A ILE B 1 5  ? -10.84009 3.42773   -1.09323 0.624 9.59675  ? 5   ILE B H    1 
ATOM   358 H H    B ILE B 1 5  ? -10.81890 3.48339   -1.05355 0.376 9.96629  ? 5   ILE B H    1 
ATOM   359 H HA   A ILE B 1 5  ? -9.80555  1.13960   -1.76121 0.624 10.01296 ? 5   ILE B HA   1 
ATOM   360 H HA   B ILE B 1 5  ? -9.83705  1.19730   -1.81130 0.376 10.78774 ? 5   ILE B HA   1 
ATOM   361 H HB   A ILE B 1 5  ? -9.62198  3.65646   -2.99968 0.624 11.52921 ? 5   ILE B HB   1 
ATOM   362 H HB   B ILE B 1 5  ? -9.61179  3.76327   -2.94034 0.376 12.10378 ? 5   ILE B HB   1 
ATOM   363 H HG12 A ILE B 1 5  ? -11.10601 1.34605   -3.54324 0.624 13.96254 ? 5   ILE B HG12 1 
ATOM   364 H HG12 B ILE B 1 5  ? -11.68918 2.50556   -3.08887 0.376 13.80255 ? 5   ILE B HG12 1 
ATOM   365 H HG13 A ILE B 1 5  ? -11.63194 2.84368   -3.46608 0.624 13.96254 ? 5   ILE B HG13 1 
ATOM   366 H HG13 B ILE B 1 5  ? -11.15957 3.14081   -4.44584 0.376 13.80255 ? 5   ILE B HG13 1 
ATOM   367 H HG21 A ILE B 1 5  ? -8.44256  2.75998   -4.79642 0.624 13.25164 ? 5   ILE B HG21 1 
ATOM   368 H HG21 B ILE B 1 5  ? -8.69850  2.63294   -4.89750 0.376 12.99644 ? 5   ILE B HG21 1 
ATOM   369 H HG22 A ILE B 1 5  ? -7.57712  2.64293   -3.46946 0.624 13.25164 ? 5   ILE B HG22 1 
ATOM   370 H HG22 B ILE B 1 5  ? -7.69116  2.89358   -3.69716 0.376 12.99644 ? 5   ILE B HG22 1 
ATOM   371 H HG23 A ILE B 1 5  ? -8.33376  1.36769   -4.03932 0.624 13.25164 ? 5   ILE B HG23 1 
ATOM   372 H HG23 B ILE B 1 5  ? -8.33234  1.45407   -3.89765 0.376 12.99644 ? 5   ILE B HG23 1 
ATOM   373 H HD11 A ILE B 1 5  ? -11.76363 2.14186   -5.63765 0.624 14.57448 ? 5   ILE B HD11 1 
ATOM   374 H HD11 B ILE B 1 5  ? -11.95609 0.89541   -4.60730 0.376 14.01179 ? 5   ILE B HD11 1 
ATOM   375 H HD12 A ILE B 1 5  ? -10.63807 3.25923   -5.54749 0.624 14.57448 ? 5   ILE B HD12 1 
ATOM   376 H HD12 B ILE B 1 5  ? -10.51801 1.14866   -5.23285 0.376 14.01179 ? 5   ILE B HD12 1 
ATOM   377 H HD13 A ILE B 1 5  ? -10.23047 1.72603   -5.62930 0.624 14.57448 ? 5   ILE B HD13 1 
ATOM   378 H HD13 B ILE B 1 5  ? -10.65404 0.46618   -3.80483 0.376 14.01179 ? 5   ILE B HD13 1 
ATOM   379 N N    . LEU B 1 6  ? -7.62051  3.26266   -0.76592 1.000 8.54247  ? 6   LEU B N    1 
ATOM   380 C CA   . LEU B 1 6  ? -6.25046  3.36436   -0.30559 1.000 8.87133  ? 6   LEU B CA   1 
ATOM   381 C C    . LEU B 1 6  ? -6.05541  2.62224   0.99978  1.000 8.15408  ? 6   LEU B C    1 
ATOM   382 O O    . LEU B 1 6  ? -4.99467  2.02531   1.22356  1.000 8.48809  ? 6   LEU B O    1 
ATOM   383 C CB   . LEU B 1 6  ? -5.84438  4.82614   -0.17596 1.000 10.71870 ? 6   LEU B CB   1 
ATOM   384 C CG   . LEU B 1 6  ? -5.79425  5.57264   -1.50812 1.000 13.85275 ? 6   LEU B CG   1 
ATOM   385 C CD1  . LEU B 1 6  ? -5.48369  7.05316   -1.27102 1.000 15.74984 ? 6   LEU B CD1  1 
ATOM   386 C CD2  . LEU B 1 6  ? -4.79124  4.95556   -2.47138 1.000 15.96666 ? 6   LEU B CD2  1 
ATOM   387 H H    . LEU B 1 6  ? -8.05820  4.00289   -0.77444 1.000 10.25318 ? 6   LEU B H    1 
ATOM   388 H HA   . LEU B 1 6  ? -5.65938  2.95471   -0.95652 1.000 10.64781 ? 6   LEU B HA   1 
ATOM   389 H HB2  . LEU B 1 6  ? -6.48677  5.27806   0.39327  1.000 12.86465 ? 6   LEU B HB2  1 
ATOM   390 H HB3  . LEU B 1 6  ? -4.96068  4.86933   0.22166  1.000 12.86465 ? 6   LEU B HB3  1 
ATOM   391 H HG   . LEU B 1 6  ? -6.66449  5.50152   -1.93065 1.000 16.62552 ? 6   LEU B HG   1 
ATOM   392 H HD11 . LEU B 1 6  ? -5.44341  7.50835   -2.12663 1.000 18.90203 ? 6   LEU B HD11 1 
ATOM   393 H HD12 . LEU B 1 6  ? -6.18525  7.43928   -0.72363 1.000 18.90203 ? 6   LEU B HD12 1 
ATOM   394 H HD13 . LEU B 1 6  ? -4.63025  7.12790   -0.81609 1.000 18.90203 ? 6   LEU B HD13 1 
ATOM   395 H HD21 . LEU B 1 6  ? -4.76689  5.48486   -3.28387 1.000 19.16221 ? 6   LEU B HD21 1 
ATOM   396 H HD22 . LEU B 1 6  ? -3.91551  4.94933   -2.05429 1.000 19.16221 ? 6   LEU B HD22 1 
ATOM   397 H HD23 . LEU B 1 6  ? -5.06672  4.04825   -2.67579 1.000 19.16221 ? 6   LEU B HD23 1 
HETATM 398 N N    . AIB B 1 7  ? -7.06912  2.65957   1.85924  1.000 7.73684  ? 7   AIB B N    1 
HETATM 399 C CA   . AIB B 1 7  ? -7.01352  1.96346   3.13137  1.000 8.27055  ? 7   AIB B CA   1 
HETATM 400 C C    . AIB B 1 7  ? -6.65166  0.47712   2.99816  1.000 7.58405  ? 7   AIB B C    1 
HETATM 401 O O    . AIB B 1 7  ? -6.06784  -0.16422  3.87995  1.000 8.00460  ? 7   AIB B O    1 
HETATM 402 C CB1  . AIB B 1 7  ? -5.98638  2.59714   4.09096  1.000 9.81406  ? 7   AIB B CB1  1 
HETATM 403 C CB2  . AIB B 1 7  ? -8.40044  2.00083   3.78126  1.000 9.37204  ? 7   AIB B CB2  1 
HETATM 404 H H    . AIB B 1 7  ? -7.75664  3.38644   1.89024  1.000 9.28642  ? 7   AIB B H    1 
HETATM 405 H HB11 . AIB B 1 7  ? -4.95741  2.47064   3.67786  1.000 11.77909 ? 7   AIB B HB11 1 
HETATM 406 H HB12 . AIB B 1 7  ? -6.20362  3.68534   4.20966  1.000 11.77909 ? 7   AIB B HB12 1 
HETATM 407 H HB13 . AIB B 1 7  ? -6.04593  2.09951   5.08809  1.000 11.77909 ? 7   AIB B HB13 1 
HETATM 408 H HB21 . AIB B 1 7  ? -8.33438  1.56421   4.80727  1.000 11.24867 ? 7   AIB B HB21 1 
HETATM 409 H HB22 . AIB B 1 7  ? -8.74672  3.06110   3.84124  1.000 11.24867 ? 7   AIB B HB22 1 
HETATM 410 H HB23 . AIB B 1 7  ? -9.11085  1.40385   3.15947  1.000 11.24867 ? 7   AIB B HB23 1 
ATOM   411 N N    . GLN B 1 8  ? -7.01422  -0.08522  1.84693  1.000 8.51874  ? 8   GLN B N    1 
ATOM   412 C CA   . GLN B 1 8  ? -6.80756  -1.51686  1.63284  1.000 9.90126  ? 8   GLN B CA   1 
ATOM   413 C C    . GLN B 1 8  ? -5.35942  -1.92631  1.68196  1.000 7.31801  ? 8   GLN B C    1 
ATOM   414 O O    . GLN B 1 8  ? -5.07019  -3.08657  1.98885  1.000 7.65372  ? 8   GLN B O    1 
ATOM   415 C CB   . GLN B 1 8  ? -7.37959  -1.98663  0.28984  1.000 15.70525 ? 8   GLN B CB   1 
ATOM   416 C CG   . GLN B 1 8  ? -8.83326  -1.64585  0.06641  1.000 21.84797 ? 8   GLN B CG   1 
ATOM   417 C CD   . GLN B 1 8  ? -9.73349  -2.20020  1.15403  1.000 26.51345 ? 8   GLN B CD   1 
ATOM   418 O OE1  . GLN B 1 8  ? -10.50378 -1.46236  1.77981  1.000 27.41436 ? 8   GLN B OE1  1 
ATOM   419 N NE2  . GLN B 1 8  ? -9.66496  -3.50365  1.36771  1.000 29.06765 ? 8   GLN B NE2  1 
ATOM   420 H H    . GLN B 1 8  ? -7.37480  0.33209   1.18705  1.000 10.22470 ? 8   GLN B H    1 
ATOM   421 H HA   . GLN B 1 8  ? -7.27842  -1.95679  2.35787  1.000 11.88373 ? 8   GLN B HA   1 
ATOM   422 H HB2  . GLN B 1 8  ? -6.86984  -1.57195  -0.42367 1.000 18.84851 ? 8   GLN B HB2  1 
ATOM   423 H HB3  . GLN B 1 8  ? -7.29533  -2.95169  0.24018  1.000 18.84851 ? 8   GLN B HB3  1 
ATOM   424 H HG2  . GLN B 1 8  ? -8.93455  -0.68123  0.05448  1.000 26.21978 ? 8   GLN B HG2  1 
ATOM   425 H HG3  . GLN B 1 8  ? -9.11994  -2.02005  -0.78135 1.000 26.21978 ? 8   GLN B HG3  1 
ATOM   426 H HE21 . GLN B 1 8  ? -9.12982  -3.98843  0.90058  1.000 34.88339 ? 8   GLN B HE21 1 
ATOM   427 H HE22 . GLN B 1 8  ? -10.15555 -3.86640  1.97380  1.000 34.88339 ? 8   GLN B HE22 1 
HETATM 428 N N    . AIB B 1 9  ? -4.44973  -0.99722  1.40290  1.000 6.55226  ? 9   AIB B N    1 
HETATM 429 C CA   . AIB B 1 9  ? -3.04117  -1.29711  1.48398  1.000 7.05325  ? 9   AIB B CA   1 
HETATM 430 C C    . AIB B 1 9  ? -2.68414  -1.89831  2.84392  1.000 6.69475  ? 9   AIB B C    1 
HETATM 431 O O    . AIB B 1 9  ? -1.77004  -2.70925  2.99304  1.000 7.40136  ? 9   AIB B O    1 
HETATM 432 C CB1  . AIB B 1 9  ? -2.57183  -2.24853  0.37080  1.000 7.94058  ? 9   AIB B CB1  1 
HETATM 433 C CB2  . AIB B 1 9  ? -2.26885  0.02581   1.37606  1.000 8.25937  ? 9   AIB B CB2  1 
HETATM 434 H H    . AIB B 1 9  ? -4.60841  -0.01038  1.45726  1.000 7.86493  ? 9   AIB B H    1 
HETATM 435 H HB11 . AIB B 1 9  ? -2.74560  -1.77683  -0.62557 1.000 9.53091  ? 9   AIB B HB11 1 
HETATM 436 H HB12 . AIB B 1 9  ? -1.48302  -2.46138  0.49185  1.000 9.53091  ? 9   AIB B HB12 1 
HETATM 437 H HB13 . AIB B 1 9  ? -3.14221  -3.20601  0.42872  1.000 9.53091  ? 9   AIB B HB13 1 
HETATM 438 H HB21 . AIB B 1 9  ? -2.46104  0.47967   0.37368  1.000 9.91346  ? 9   AIB B HB21 1 
HETATM 439 H HB22 . AIB B 1 9  ? -2.61779  0.71851   2.17986  1.000 9.91346  ? 9   AIB B HB22 1 
HETATM 440 H HB23 . AIB B 1 9  ? -1.17736  -0.17805  1.49774  1.000 9.91346  ? 9   AIB B HB23 1 
ATOM   441 N N    . LEU B 1 10 ? -3.41590  -1.42560  3.85012  1.000 5.97523  ? 10  LEU B N    1 
ATOM   442 C CA   . LEU B 1 10 ? -3.14045  -1.78624  5.24141  1.000 6.99922  ? 10  LEU B CA   1 
ATOM   443 C C    . LEU B 1 10 ? -3.89948  -3.00813  5.71554  1.000 8.05096  ? 10  LEU B C    1 
ATOM   444 O O    . LEU B 1 10 ? -3.81364  -3.43541  6.85215  1.000 9.39017  ? 10  LEU B O    1 
ATOM   445 C CB   . LEU B 1 10 ? -3.46961  -0.60160  6.13408  1.000 7.30110  ? 10  LEU B CB   1 
ATOM   446 C CG   . LEU B 1 10 ? -2.74953  0.68930   5.75460  1.000 7.63227  ? 10  LEU B CG   1 
ATOM   447 C CD1  . LEU B 1 10 ? -3.04479  1.79087   6.76154  1.000 8.96069  ? 10  LEU B CD1  1 
ATOM   448 C CD2  . LEU B 1 10 ? -1.24647  0.42498   5.63136  1.000 8.97438  ? 10  LEU B CD2  1 
ATOM   449 H H    . LEU B 1 10 ? -4.08235  -0.89059  3.75416  1.000 7.17249  ? 10  LEU B H    1 
ATOM   450 H HA   . LEU B 1 10 ? -2.19992  -2.01260  5.31263  1.000 8.40128  ? 10  LEU B HA   1 
ATOM   451 H HB2  . LEU B 1 10 ? -4.42344  -0.43246  6.08407  1.000 8.76353  ? 10  LEU B HB2  1 
ATOM   452 H HB3  . LEU B 1 10 ? -3.21904  -0.82185  7.04491  1.000 8.76353  ? 10  LEU B HB3  1 
ATOM   453 H HG   . LEU B 1 10 ? -3.07078  1.00237   4.89454  1.000 9.16093  ? 10  LEU B HG   1 
ATOM   454 H HD11 . LEU B 1 10 ? -2.63336  2.61506   6.45769  1.000 10.75505 ? 10  LEU B HD11 1 
ATOM   455 H HD12 . LEU B 1 10 ? -4.00540  1.90652   6.83050  1.000 10.75505 ? 10  LEU B HD12 1 
ATOM   456 H HD13 . LEU B 1 10 ? -2.67948  1.53700   7.62352  1.000 10.75505 ? 10  LEU B HD13 1 
ATOM   457 H HD21 . LEU B 1 10 ? -1.08069  -0.08473  4.82290  1.000 10.77148 ? 10  LEU B HD21 1 
ATOM   458 H HD22 . LEU B 1 10 ? -0.77898  1.27384   5.58890  1.000 10.77148 ? 10  LEU B HD22 1 
ATOM   459 H HD23 . LEU B 1 10 ? -0.94966  -0.07772  6.40602  1.000 10.77148 ? 10  LEU B HD23 1 
HETATM 460 C C11  . I77 B 1 11 ? -6.17987  -8.20490  5.63422  1.000 7.05667  ? 11  I77 B C11  1 
HETATM 461 C C12  . I77 B 1 11 ? -6.41011  -6.90162  5.29232  1.000 6.53367  ? 11  I77 B C12  1 
HETATM 462 C C13  . I77 B 1 11 ? -5.25542  -5.95014  5.14606  1.000 6.30085  ? 11  I77 B C13  1 
HETATM 463 C C17  . I77 B 1 11 ? -7.71531  -6.49801  5.01078  1.000 7.70008  ? 11  I77 B C17  1 
HETATM 464 C C18  . I77 B 1 11 ? -8.73761  -7.40811  5.10563  1.000 6.94695  ? 11  I77 B C18  1 
HETATM 465 C C02  . I77 B 1 11 ? -12.78693 -12.41897 5.64417  1.000 6.09776  ? 11  I77 B C02  1 
HETATM 466 C C03  . I77 B 1 11 ? -11.57589 -11.47567 5.63375  1.000 5.91943  ? 11  I77 B C03  1 
HETATM 467 C C04  . I77 B 1 11 ? -10.31048 -11.90174 6.00538  1.000 7.71875  ? 11  I77 B C04  1 
HETATM 468 C C05  . I77 B 1 11 ? -9.28485  -10.96871 5.93880  1.000 7.44318  ? 11  I77 B C05  1 
HETATM 469 C C06  . I77 B 1 11 ? -11.78180 -10.17584 5.23994  1.000 6.87398  ? 11  I77 B C06  1 
HETATM 470 C C08  . I77 B 1 11 ? -9.55152  -9.67468  5.54306  1.000 6.11970  ? 11  I77 B C08  1 
HETATM 471 C C09  . I77 B 1 11 ? -8.42702  -8.69457  5.48156  1.000 5.95728  ? 11  I77 B C09  1 
HETATM 472 N N01  . I77 B 1 11 ? -12.56294 -13.74361 6.14054  1.000 6.90911  ? 11  I77 B N01  1 
HETATM 473 N N07  . I77 B 1 11 ? -10.78012 -9.31431  5.20131  1.000 7.80344  ? 11  I77 B N07  1 
HETATM 474 N N10  . I77 B 1 11 ? -7.17155  -9.06585  5.73382  1.000 7.56478  ? 11  I77 B N10  1 
HETATM 475 N N14  . I77 B 1 11 ? -5.65633  -4.58832  4.96904  1.000 8.83907  ? 11  I77 B N14  1 
HETATM 476 N N15  . I77 B 1 11 ? -4.70569  -3.60059  4.71197  1.000 7.71537  ? 11  I77 B N15  1 
HETATM 477 O O16  . I77 B 1 11 ? -4.11319  -6.29228  5.08257  1.000 6.15096  ? 11  I77 B O16  1 
HETATM 478 O O19  . I77 B 1 11 ? -13.86361 -12.07437 5.26234  1.000 6.88279  ? 11  I77 B O19  1 
HETATM 479 H H111 . I77 B 1 11 ? -5.17008  -8.53349  5.82550  1.000 8.47021  ? 11  I77 B H111 1 
HETATM 480 H H171 . I77 B 1 11 ? -7.92126  -5.46848  4.71794  1.000 9.24231  ? 11  I77 B H171 1 
HETATM 481 H H181 . I77 B 1 11 ? -9.76454  -7.12078  4.88975  1.000 8.33856  ? 11  I77 B H181 1 
HETATM 482 H H041 . I77 B 1 11 ? -10.13138 -12.90953 6.33059  1.000 9.26471  ? 11  I77 B H041 1 
HETATM 483 H H051 . I77 B 1 11 ? -8.27364  -11.25716 6.19794  1.000 8.93403  ? 11  I77 B H051 1 
HETATM 484 H H061 . I77 B 1 11 ? -12.77456 -9.85382  4.95837  1.000 8.25099  ? 11  I77 B H061 1 
HETATM 485 H H011 . I77 B 1 11 ? -11.65478 -14.01885 6.45321  1.000 8.29315  ? 11  I77 B H011 1 
HETATM 486 H H012 . I77 B 1 11 ? -13.32100 -14.40619 6.16847  1.000 8.29315  ? 11  I77 B H012 1 
HETATM 487 H H141 . I77 B 1 11 ? -6.62963  -4.34138  5.03030  1.000 10.60909 ? 11  I77 B H141 1 
HETATM 488 H H1   . I77 B 1 11 ? -3.88014  -4.01856  4.31158  1.000 9.26066  ? 11  I77 B H1   1 
HETATM 489 C C    A MOH C 2 .  ? 7.20525   3.10515   2.68058  0.672 14.05635 ? 101 MOH A C    1 
HETATM 490 C C    B MOH C 2 .  ? 7.25263   2.72705   4.62077  0.328 7.93740  ? 101 MOH A C    1 
HETATM 491 O O    A MOH C 2 .  ? 7.38663   3.82160   1.47800  0.672 14.68093 ? 101 MOH A O    1 
HETATM 492 O O    B MOH C 2 .  ? 6.31805   2.25679   3.68893  0.328 9.41860  ? 101 MOH A O    1 
HETATM 493 H H1   A MOH C 2 .  ? 6.35135   3.31107   3.08983  0.672 16.86984 ? 101 MOH A H1   1 
HETATM 494 H H1   B MOH C 2 .  ? 7.55314   2.02811   5.21206  0.328 9.52710  ? 101 MOH A H1   1 
HETATM 495 H H2   A MOH C 2 .  ? 7.92063   3.29688   3.30690  0.672 16.86984 ? 101 MOH A H2   1 
HETATM 496 H H2   B MOH C 2 .  ? 6.87617   3.45549   5.12468  0.328 9.52710  ? 101 MOH A H2   1 
HETATM 497 H H3   A MOH C 2 .  ? 7.23241   2.17171   2.42290  0.672 16.86984 ? 101 MOH A H3   1 
HETATM 498 H H3   B MOH C 2 .  ? 7.99313   3.04833   4.08211  0.328 9.52710  ? 101 MOH A H3   1 
HETATM 499 H HO   A MOH C 2 .  ? 7.34433   3.26445   0.84080  0.672 17.61934 ? 101 MOH A HO   1 
HETATM 500 H HO   B MOH C 2 .  ? 6.14067   2.89996   3.16221  0.328 11.30453 ? 101 MOH A HO   1 
HETATM 501 O O    . HOH D 3 .  ? 5.40588   12.36810  -1.05851 1.000 29.59940 ? 201 HOH A O    1 
HETATM 502 O O    . HOH D 3 .  ? 13.65087  15.75369  1.21318  1.000 8.92342  ? 202 HOH A O    1 
HETATM 503 O O    A HOH D 3 .  ? 5.71247   15.30172  -0.54378 0.438 15.89163 ? 203 HOH A O    1 
HETATM 504 O O    B HOH D 3 .  ? 8.11470   16.21267  0.50548  0.562 29.02130 ? 203 HOH A O    1 
HETATM 505 O O    . HOH E 3 .  ? -7.84038  -2.98753  5.27494  1.000 24.90720 ? 101 HOH B O    1 
HETATM 506 O O    . HOH E 3 .  ? -3.39308  1.78362   -1.31879 1.000 43.12740 ? 102 HOH B O    1 
HETATM 507 O O    . HOH E 3 .  ? -6.03326  -1.93675  -2.96813 1.000 46.10805 ? 103 HOH B O    1 
HETATM 508 O O    . HOH E 3 .  ? -7.75822  -12.60146 8.22593  1.000 40.65273 ? 104 HOH B O    1 
# 
loop_
_atom_site_anisotrop.id 
_atom_site_anisotrop.type_symbol 
_atom_site_anisotrop.pdbx_label_atom_id 
_atom_site_anisotrop.pdbx_label_alt_id 
_atom_site_anisotrop.pdbx_label_comp_id 
_atom_site_anisotrop.pdbx_label_asym_id 
_atom_site_anisotrop.pdbx_label_seq_id 
_atom_site_anisotrop.pdbx_PDB_ins_code 
_atom_site_anisotrop.U[1][1] 
_atom_site_anisotrop.U[2][2] 
_atom_site_anisotrop.U[3][3] 
_atom_site_anisotrop.U[1][2] 
_atom_site_anisotrop.U[1][3] 
_atom_site_anisotrop.U[2][3] 
_atom_site_anisotrop.pdbx_auth_seq_id 
_atom_site_anisotrop.pdbx_auth_comp_id 
_atom_site_anisotrop.pdbx_auth_asym_id 
_atom_site_anisotrop.pdbx_auth_atom_id 
1   C C05 . I6W A 1  ? 0.09037 0.04723 0.10257 -0.02763 0.00509  0.00514  1   I6W A C05 
2   C C08 . I6W A 1  ? 0.08373 0.05911 0.10247 -0.03199 -0.01018 0.00423  1   I6W A C08 
3   C C09 . I6W A 1  ? 0.08283 0.07501 0.12268 -0.03014 -0.00707 -0.00418 1   I6W A C09 
4   N N10 . I6W A 1  ? 0.09785 0.09985 0.26625 -0.03038 -0.01925 0.02581  1   I6W A N10 
5   C C02 . I6W A 1  ? 0.08153 0.03741 0.08962 -0.02499 0.01272  -0.00220 1   I6W A C02 
6   C C03 . I6W A 1  ? 0.08108 0.04367 0.08177 -0.02756 0.00839  0.00055  1   I6W A C03 
7   C C04 . I6W A 1  ? 0.08701 0.04644 0.11126 -0.02898 0.01221  0.00574  1   I6W A C04 
8   C C06 . I6W A 1  ? 0.07284 0.04700 0.08377 -0.02831 0.00941  0.00307  1   I6W A C06 
9   C C11 . I6W A 1  ? 0.09820 0.10457 0.29015 -0.02771 -0.00338 0.01845  1   I6W A C11 
10  C C12 . I6W A 1  ? 0.09392 0.11174 0.19290 -0.04155 -0.00945 -0.00648 1   I6W A C12 
11  C C13 . I6W A 1  ? 0.10621 0.12793 0.23709 -0.03828 -0.00554 -0.00395 1   I6W A C13 
12  C C15 . I6W A 1  ? 0.12189 0.15824 0.43345 -0.02463 -0.02136 0.01853  1   I6W A C15 
13  C C16 . I6W A 1  ? 0.13886 0.17317 0.48230 -0.03065 -0.00886 0.01693  1   I6W A C16 
14  C C18 . I6W A 1  ? 0.08240 0.10207 0.15367 -0.03324 0.00680  -0.01003 1   I6W A C18 
15  C C19 . I6W A 1  ? 0.07436 0.08319 0.12065 -0.02782 0.00731  -0.01017 1   I6W A C19 
16  N N07 . I6W A 1  ? 0.07677 0.05757 0.11065 -0.03156 0.00220  0.00716  1   I6W A N07 
17  O O01 . I6W A 1  ? 0.08762 0.03610 0.10056 -0.02302 0.00190  0.01099  1   I6W A O01 
18  O O14 . I6W A 1  ? 0.11127 0.13622 0.36602 -0.02754 -0.02674 0.00934  1   I6W A O14 
19  O O17 . I6W A 1  ? 0.10262 0.14674 0.22832 -0.04299 0.00048  -0.02053 1   I6W A O17 
31  N N   . LEU A 2  ? 0.08150 0.03687 0.08948 -0.02360 0.00179  0.01388  2   LEU A N   
32  C CA  . LEU A 2  ? 0.07806 0.03998 0.09904 -0.02747 -0.00237 -0.00403 2   LEU A CA  
33  C C   . LEU A 2  ? 0.07986 0.03832 0.09961 -0.02363 0.00172  -0.00870 2   LEU A C   
34  O O   . LEU A 2  ? 0.08884 0.04051 0.11313 -0.01896 0.00755  -0.00675 2   LEU A O   
35  C CB  . LEU A 2  ? 0.08830 0.05263 0.11199 -0.03014 -0.00982 -0.01551 2   LEU A CB  
36  C CG  . LEU A 2  ? 0.09388 0.06659 0.14948 -0.02632 -0.01741 -0.02923 2   LEU A CG  
37  C CD1 . LEU A 2  ? 0.08979 0.08139 0.14515 -0.02041 -0.00640 -0.03292 2   LEU A CD1 
38  C CD2 . LEU A 2  ? 0.10957 0.08927 0.24868 -0.02852 -0.03374 -0.01269 2   LEU A CD2 
50  N N   . AIB A 3  ? 0.07822 0.04376 0.09983 -0.01888 0.02202  -0.00254 3   AIB A N   
51  C CA  . AIB A 3  ? 0.09421 0.05298 0.10895 -0.01187 0.01759  0.00944  3   AIB A CA  
52  C C   . AIB A 3  ? 0.08885 0.06194 0.08780 -0.00380 0.01507  0.00904  3   AIB A C   
53  O O   . AIB A 3  ? 0.09842 0.06446 0.10227 0.00392  0.02256  0.00919  3   AIB A O   
54  C CB1 . AIB A 3  ? 0.10099 0.05890 0.13488 -0.01196 0.04853  0.01712  3   AIB A CB1 
55  C CB2 . AIB A 3  ? 0.10858 0.06455 0.13691 -0.00590 0.03928  0.01739  3   AIB A CB2 
63  N N   . ALA A 4  ? 0.09086 0.05274 0.09541 -0.00426 0.00586  0.00142  4   ALA A N   
64  C CA  . ALA A 4  ? 0.09970 0.06430 0.10215 -0.01399 -0.00174 -0.00128 4   ALA A CA  
65  C C   . ALA A 4  ? 0.09142 0.04711 0.09780 -0.01350 0.00069  -0.01007 4   ALA A C   
66  O O   . ALA A 4  ? 0.10849 0.06161 0.12526 -0.01379 -0.01162 0.00534  4   ALA A O   
67  C CB  . ALA A 4  ? 0.09653 0.06663 0.15378 -0.01316 -0.00790 -0.01070 4   ALA A CB  
73  N N   A ILE A 5  ? 0.09187 0.04928 0.09936 -0.02074 -0.00568 0.00342  5   ILE A N   
74  N N   B ILE A 5  ? 0.08225 0.05117 0.09888 -0.01475 0.01186  0.00390  5   ILE A N   
75  C CA  A ILE A 5  ? 0.09770 0.05307 0.10899 -0.02862 -0.00958 0.01091  5   ILE A CA  
76  C CA  B ILE A 5  ? 0.08899 0.06027 0.09720 -0.01893 0.02303  0.00091  5   ILE A CA  
77  C C   A ILE A 5  ? 0.09083 0.05059 0.10123 -0.02829 -0.00835 0.01750  5   ILE A C   
78  C C   B ILE A 5  ? 0.08705 0.05485 0.07473 -0.02460 0.01023  0.00872  5   ILE A C   
79  O O   A ILE A 5  ? 0.09055 0.05685 0.10719 -0.02783 -0.01902 0.03198  5   ILE A O   
80  O O   B ILE A 5  ? 0.08353 0.05534 0.08691 -0.01843 0.01830  0.00882  5   ILE A O   
81  C CB  A ILE A 5  ? 0.11311 0.06115 0.13043 -0.03862 -0.01989 0.00665  5   ILE A CB  
82  C CB  B ILE A 5  ? 0.10571 0.08540 0.13613 -0.02511 0.02235  -0.00601 5   ILE A CB  
83  C CG1 A ILE A 5  ? 0.11653 0.07597 0.15918 -0.04323 -0.01803 0.01385  5   ILE A CG1 
84  C CG1 B ILE A 5  ? 0.12187 0.09614 0.15843 -0.02619 0.04195  -0.00607 5   ILE A CG1 
85  C CG2 A ILE A 5  ? 0.12645 0.06618 0.14695 -0.04406 -0.02169 0.00834  5   ILE A CG2 
86  C CG2 B ILE A 5  ? 0.10697 0.11024 0.12816 -0.03203 0.00870  0.00243  5   ILE A CG2 
87  C CD1 A ILE A 5  ? 0.11821 0.08119 0.15694 -0.04632 -0.02721 0.00883  5   ILE A CD1 
88  C CD1 B ILE A 5  ? 0.14533 0.10749 0.24615 -0.03059 0.04103  0.00313  5   ILE A CD1 
111 N N   . LEU A 6  ? 0.08201 0.04335 0.09181 -0.02819 -0.00158 0.00937  6   LEU A N   
112 C CA  . LEU A 6  ? 0.07172 0.04166 0.09903 -0.02284 -0.00600 0.00104  6   LEU A CA  
113 C C   . LEU A 6  ? 0.07938 0.03951 0.09650 -0.01663 0.00875  0.02126  6   LEU A C   
114 O O   . LEU A 6  ? 0.08244 0.04045 0.10730 -0.02465 -0.00064 0.01200  6   LEU A O   
115 C CB  . LEU A 6  ? 0.07116 0.03469 0.11134 -0.01614 0.00080  -0.00738 6   LEU A CB  
116 C CG  . LEU A 6  ? 0.08693 0.04500 0.09834 -0.02653 0.00297  0.00307  6   LEU A CG  
117 C CD1 . LEU A 6  ? 0.08707 0.04619 0.08950 -0.02828 -0.00571 0.00563  6   LEU A CD1 
118 C CD2 . LEU A 6  ? 0.10580 0.05110 0.10194 -0.02834 -0.00927 0.00261  6   LEU A CD2 
130 N N   . AIB A 7  ? 0.08383 0.04248 0.09142 -0.01006 0.01941  0.01879  7   AIB A N   
131 C CA  . AIB A 7  ? 0.09596 0.04591 0.08989 -0.01369 0.00740  0.01736  7   AIB A CA  
132 C C   . AIB A 7  ? 0.09364 0.03771 0.09307 -0.01415 -0.00018 0.02055  7   AIB A C   
133 O O   . AIB A 7  ? 0.09471 0.04671 0.09874 -0.00850 0.00588  0.00835  7   AIB A O   
134 C CB1 . AIB A 7  ? 0.11873 0.04341 0.12116 -0.01480 0.02068  0.01763  7   AIB A CB1 
135 C CB2 . AIB A 7  ? 0.09460 0.05863 0.10679 -0.00688 -0.00356 0.00652  7   AIB A CB2 
143 N N   . GLN A 8  ? 0.08689 0.03414 0.11206 -0.00774 0.01300  0.00961  8   GLN A N   
144 C CA  . GLN A 8  ? 0.08423 0.03924 0.11241 -0.01029 0.01461  0.00624  8   GLN A CA  
145 C C   . GLN A 8  ? 0.07968 0.03636 0.11070 -0.01437 0.00714  0.01333  8   GLN A C   
146 O O   . GLN A 8  ? 0.09102 0.04170 0.10643 -0.01597 -0.00216 0.01128  8   GLN A O   
147 C CB  . GLN A 8  ? 0.08775 0.06005 0.14020 -0.01168 0.00534  0.02958  8   GLN A CB  
148 C CG  . GLN A 8  ? 0.08598 0.06478 0.16324 -0.00841 0.01371  0.02648  8   GLN A CG  
149 C CD  . GLN A 8  ? 0.10765 0.06297 0.17549 -0.02216 -0.03350 0.00334  8   GLN A CD  
150 O OE1 . GLN A 8  ? 0.13465 0.07368 0.22109 -0.02951 -0.04546 0.00449  8   GLN A OE1 
151 N NE2 . GLN A 8  ? 0.12900 0.06501 0.19185 -0.02537 -0.04462 -0.00166 8   GLN A NE2 
160 N N   . AIB A 9  ? 0.07561 0.03572 0.10466 -0.01560 -0.00596 0.00513  9   AIB A N   
161 C CA  . AIB A 9  ? 0.09149 0.04160 0.10737 -0.02347 -0.01392 0.00534  9   AIB A CA  
162 C C   . AIB A 9  ? 0.08475 0.04516 0.12124 -0.01965 -0.00008 0.01419  9   AIB A C   
163 O O   . AIB A 9  ? 0.08518 0.05214 0.16909 -0.01371 -0.00676 0.00789  9   AIB A O   
164 C CB1 . AIB A 9  ? 0.10376 0.05762 0.13500 -0.03096 -0.02395 0.01897  9   AIB A CB1 
165 C CB2 . AIB A 9  ? 0.10079 0.04492 0.12352 -0.02812 -0.01334 -0.00016 9   AIB A CB2 
173 N N   A LEU A 10 ? 0.08947 0.04146 0.11165 -0.02012 0.01228  -0.00601 10  LEU A N   
174 N N   B LEU A 10 ? 0.08748 0.04118 0.11122 -0.01648 0.01766  0.00508  10  LEU A N   
175 C CA  A LEU A 10 ? 0.09405 0.04496 0.13191 -0.02010 0.01737  -0.00759 10  LEU A CA  
176 C CA  B LEU A 10 ? 0.09636 0.04511 0.13360 -0.01856 0.00987  0.01471  10  LEU A CA  
177 C C   A LEU A 10 ? 0.08827 0.05483 0.14112 -0.02672 0.00430  -0.00672 10  LEU A C   
178 C C   B LEU A 10 ? 0.06107 0.04253 0.09276 -0.00272 0.00297  0.00832  10  LEU A C   
179 O O   A LEU A 10 ? 0.09578 0.06517 0.18928 -0.02932 0.00439  -0.00077 10  LEU A O   
180 O O   B LEU A 10 ? 0.07321 0.04712 0.09198 -0.00001 0.01809  0.00124  10  LEU A O   
181 C CB  A LEU A 10 ? 0.09626 0.05100 0.11527 -0.02021 0.01521  -0.01383 10  LEU A CB  
182 C CB  B LEU A 10 ? 0.09743 0.05298 0.13418 -0.01776 0.01572  0.00807  10  LEU A CB  
183 C CG  A LEU A 10 ? 0.10710 0.06165 0.11925 -0.02477 0.00708  0.01110  10  LEU A CG  
184 C CG  B LEU A 10 ? 0.11334 0.07775 0.20174 -0.02350 -0.01141 0.03759  10  LEU A CG  
185 C CD1 A LEU A 10 ? 0.11416 0.06698 0.16375 -0.02572 0.01595  0.03198  10  LEU A CD1 
186 C CD1 B LEU A 10 ? 0.12690 0.09740 0.27128 -0.02578 -0.03458 0.05865  10  LEU A CD1 
187 C CD2 A LEU A 10 ? 0.11095 0.07609 0.11891 -0.02893 -0.00590 0.03025  10  LEU A CD2 
188 C CD2 B LEU A 10 ? 0.12072 0.09436 0.28021 -0.02105 -0.01810 0.05368  10  LEU A CD2 
211 C C11 A I77 A 11 ? 0.09426 0.10134 0.13118 -0.05241 0.01525  0.02157  11  I77 A C11 
212 C C11 B I77 A 11 ? 0.11962 0.07326 0.10698 -0.04785 0.01755  0.01171  11  I77 A C11 
213 C C12 A I77 A 11 ? 0.08570 0.08634 0.09589 -0.04668 0.02300  -0.00005 11  I77 A C12 
214 C C12 B I77 A 11 ? 0.10994 0.05979 0.09274 -0.04050 0.02607  -0.00729 11  I77 A C12 
215 C C13 A I77 A 11 ? 0.07885 0.07869 0.08274 -0.04291 0.00582  -0.00028 11  I77 A C13 
216 C C13 B I77 A 11 ? 0.09853 0.05438 0.10424 -0.03352 0.01951  -0.01273 11  I77 A C13 
217 C C17 A I77 A 11 ? 0.10167 0.08290 0.15687 -0.04701 0.02385  -0.00304 11  I77 A C17 
218 C C17 B I77 A 11 ? 0.11204 0.05972 0.11593 -0.03906 0.02724  -0.01138 11  I77 A C17 
219 C C18 A I77 A 11 ? 0.10632 0.08111 0.14783 -0.05049 0.01715  -0.00975 11  I77 A C18 
220 C C18 B I77 A 11 ? 0.11782 0.06135 0.12791 -0.04030 0.02351  -0.01427 11  I77 A C18 
221 C C02 A I77 A 11 ? 0.15308 0.16484 0.14897 -0.09153 -0.01990 0.03513  11  I77 A C02 
222 C C02 B I77 A 11 ? 0.10880 0.12038 0.09709 -0.06740 -0.00270 -0.00921 11  I77 A C02 
223 C C03 A I77 A 11 ? 0.15040 0.14308 0.09926 -0.08157 -0.00080 0.02449  11  I77 A C03 
224 C C03 B I77 A 11 ? 0.12720 0.10740 0.10069 -0.06919 0.00573  -0.00998 11  I77 A C03 
225 C C04 A I77 A 11 ? 0.15052 0.13157 0.08369 -0.08323 -0.00426 0.01033  11  I77 A C04 
226 C C04 B I77 A 11 ? 0.13308 0.10377 0.13748 -0.06935 0.00526  0.00052  11  I77 A C04 
227 C C05 A I77 A 11 ? 0.13872 0.12421 0.08830 -0.07507 0.00981  0.00805  11  I77 A C05 
228 C C05 B I77 A 11 ? 0.13694 0.09448 0.14628 -0.06541 0.01027  0.00058  11  I77 A C05 
229 C C06 A I77 A 11 ? 0.15372 0.12172 0.12833 -0.07923 0.00770  0.01032  11  I77 A C06 
230 C C06 B I77 A 11 ? 0.13934 0.10139 0.07333 -0.06947 0.00839  -0.00690 11  I77 A C06 
231 C C08 A I77 A 11 ? 0.13122 0.10993 0.08879 -0.06718 0.02634  -0.00675 11  I77 A C08 
232 C C08 B I77 A 11 ? 0.13660 0.08405 0.10877 -0.05958 0.01719  -0.00860 11  I77 A C08 
233 C C09 A I77 A 11 ? 0.10725 0.09446 0.10558 -0.05791 0.02162  -0.01387 11  I77 A C09 
234 C C09 B I77 A 11 ? 0.12449 0.06971 0.09543 -0.04962 0.01947  -0.01194 11  I77 A C09 
235 N N01 A I77 A 11 ? 0.17097 0.17883 0.19872 -0.09005 -0.02340 0.06657  11  I77 A N01 
236 N N01 B I77 A 11 ? 0.11114 0.12237 0.07884 -0.06881 -0.00076 -0.00833 11  I77 A N01 
237 N N07 A I77 A 11 ? 0.14829 0.10704 0.10596 -0.07201 0.01833  -0.00289 11  I77 A N07 
238 N N07 B I77 A 11 ? 0.13770 0.09772 0.07593 -0.06230 0.02184  -0.00048 11  I77 A N07 
239 N N10 A I77 A 11 ? 0.10277 0.10878 0.12568 -0.05893 0.00644  0.02193  11  I77 A N10 
240 N N10 B I77 A 11 ? 0.12252 0.07216 0.11133 -0.04926 0.01899  0.00480  11  I77 A N10 
241 N N14 A I77 A 11 ? 0.07830 0.06058 0.09358 -0.03165 0.00895  -0.02397 11  I77 A N14 
242 N N14 B I77 A 11 ? 0.08844 0.05097 0.14483 -0.02642 -0.00748 0.00330  11  I77 A N14 
243 N N15 A I77 A 11 ? 0.07128 0.05423 0.10381 -0.02656 0.00103  -0.01142 11  I77 A N15 
244 N N15 B I77 A 11 ? 0.06586 0.04736 0.10705 -0.01605 -0.02799 0.01538  11  I77 A N15 
245 O O16 A I77 A 11 ? 0.10000 0.07605 0.09526 -0.04805 -0.02034 0.02137  11  I77 A O16 
246 O O16 B I77 A 11 ? 0.10137 0.05338 0.11311 -0.02925 0.02871  -0.02476 11  I77 A O16 
247 O O19 A I77 A 11 ? 0.14485 0.16589 0.16193 -0.08942 -0.02803 0.01078  11  I77 A O19 
248 O O19 B I77 A 11 ? 0.08780 0.12917 0.09654 -0.06084 -0.00495 -0.00580 11  I77 A O19 
269 C C05 . I6W B 1  ? 0.08146 0.07207 0.10723 -0.02102 -0.00044 -0.00766 1   I6W B C05 
270 C C08 . I6W B 1  ? 0.08921 0.06675 0.10796 -0.01889 0.00568  -0.01381 1   I6W B C08 
271 C C09 . I6W B 1  ? 0.08914 0.08007 0.16802 -0.02084 0.00551  0.00080  1   I6W B C09 
272 N N10 . I6W B 1  ? 0.11147 0.11266 0.35685 -0.01817 0.00762  0.03478  1   I6W B N10 
273 C C02 . I6W B 1  ? 0.08219 0.07483 0.08175 -0.01997 0.00562  0.00615  1   I6W B C02 
274 C C03 . I6W B 1  ? 0.07805 0.07191 0.09900 -0.02290 0.01575  0.00569  1   I6W B C03 
275 C C04 . I6W B 1  ? 0.08928 0.06855 0.10696 -0.02374 -0.00273 -0.00286 1   I6W B C04 
276 C C06 . I6W B 1  ? 0.07448 0.07523 0.10629 -0.03057 0.00135  0.00366  1   I6W B C06 
277 C C11 . I6W B 1  ? 0.11730 0.12795 0.38942 -0.01957 0.01525  0.03387  1   I6W B C11 
278 C C12 . I6W B 1  ? 0.10857 0.12047 0.35784 -0.02373 0.00717  0.00907  1   I6W B C12 
279 C C13 . I6W B 1  ? 0.13324 0.14413 0.48346 -0.01605 0.01460  0.00679  1   I6W B C13 
280 C C15 . I6W B 1  ? 0.16053 0.17079 0.60318 -0.00971 0.02292  0.03244  1   I6W B C15 
281 C C16 . I6W B 1  ? 0.17635 0.18422 0.62282 -0.02143 -0.00374 0.04566  1   I6W B C16 
282 C C18 . I6W B 1  ? 0.08971 0.09987 0.26654 -0.02755 -0.00223 0.00720  1   I6W B C18 
283 C C19 . I6W B 1  ? 0.07848 0.08973 0.23853 -0.02317 -0.00184 0.01374  1   I6W B C19 
284 N N07 . I6W B 1  ? 0.08733 0.06899 0.10849 -0.02171 0.00526  0.00156  1   I6W B N07 
285 O O01 . I6W B 1  ? 0.08180 0.06715 0.10518 -0.02063 -0.00161 0.01822  1   I6W B O01 
286 O O14 . I6W B 1  ? 0.15106 0.16182 0.57210 -0.00763 0.02889  0.02477  1   I6W B O14 
287 O O17 . I6W B 1  ? 0.13780 0.14973 0.52149 -0.01045 0.02168  0.00293  1   I6W B O17 
299 N N   . LEU B 2  ? 0.09449 0.06166 0.08740 -0.02513 -0.00766 -0.00014 2   LEU B N   
300 C CA  . LEU B 2  ? 0.09230 0.05272 0.09713 -0.02983 0.00310  0.00418  2   LEU B CA  
301 C C   . LEU B 2  ? 0.08247 0.04886 0.08772 -0.02908 0.00856  0.01404  2   LEU B C   
302 O O   . LEU B 2  ? 0.08162 0.05970 0.11249 -0.02695 0.00524  0.01917  2   LEU B O   
303 C CB  . LEU B 2  ? 0.09597 0.06372 0.10752 -0.03464 0.00128  0.02304  2   LEU B CB  
304 C CG  . LEU B 2  ? 0.09446 0.05607 0.08625 -0.03771 0.01449  0.00593  2   LEU B CG  
305 C CD1 . LEU B 2  ? 0.12380 0.06890 0.13665 -0.03977 0.03450  0.00648  2   LEU B CD1 
306 C CD2 . LEU B 2  ? 0.10079 0.07434 0.13039 -0.04223 0.00640  0.02688  2   LEU B CD2 
318 N N   . AIB B 3  ? 0.08175 0.04780 0.09115 -0.03160 -0.00388 0.00928  3   AIB B N   
319 C CA  . AIB B 3  ? 0.08120 0.05131 0.09687 -0.03223 0.00280  0.00211  3   AIB B CA  
320 C C   . AIB B 3  ? 0.08040 0.04276 0.09954 -0.02611 0.00632  0.00249  3   AIB B C   
321 O O   . AIB B 3  ? 0.08479 0.05176 0.10150 -0.02372 0.00309  0.01482  3   AIB B O   
322 C CB1 . AIB B 3  ? 0.09219 0.05424 0.11172 -0.03819 0.00772  0.00213  3   AIB B CB1 
323 C CB2 . AIB B 3  ? 0.08624 0.05453 0.11924 -0.02775 -0.00401 0.00956  3   AIB B CB2 
331 N N   . ALA B 4  ? 0.08026 0.04022 0.09784 -0.02255 0.01195  0.01338  4   ALA B N   
332 C CA  . ALA B 4  ? 0.09704 0.05234 0.10786 -0.03101 0.00732  0.01848  4   ALA B CA  
333 C C   . ALA B 4  ? 0.10955 0.05794 0.12047 -0.02300 0.00686  0.01592  4   ALA B C   
334 O O   . ALA B 4  ? 0.11265 0.05756 0.16122 -0.01616 0.01441  0.02344  4   ALA B O   
335 C CB  . ALA B 4  ? 0.09765 0.05419 0.13859 -0.02776 -0.00052 0.02313  4   ALA B CB  
341 N N   A ILE B 5  ? 0.11916 0.06086 0.12377 -0.01900 0.00507  -0.00427 5   ILE B N   
342 N N   B ILE B 5  ? 0.11693 0.06611 0.13245 -0.02306 0.00197  0.00381  5   ILE B N   
343 C CA  A ILE B 5  ? 0.13841 0.06655 0.11202 -0.01505 0.01592  -0.01123 5   ILE B CA  
344 C CA  B ILE B 5  ? 0.12967 0.07319 0.13862 -0.02198 0.00347  -0.00102 5   ILE B CA  
345 C C   A ILE B 5  ? 0.12659 0.05984 0.13752 -0.00372 0.02996  0.00413  5   ILE B C   
346 C C   B ILE B 5  ? 0.12141 0.07006 0.15649 -0.01310 0.01453  0.01420  5   ILE B C   
347 O O   A ILE B 5  ? 0.13351 0.05798 0.16090 0.00324  0.03731  -0.00334 5   ILE B O   
348 O O   B ILE B 5  ? 0.12900 0.07625 0.17026 -0.01553 0.00865  0.01929  5   ILE B O   
349 C CB  A ILE B 5  ? 0.16075 0.08681 0.11742 -0.02227 0.01976  -0.02832 5   ILE B CB  
350 C CB  B ILE B 5  ? 0.14395 0.08762 0.15162 -0.02898 -0.00214 -0.01968 5   ILE B CB  
351 C CG1 A ILE B 5  ? 0.18842 0.10824 0.14537 -0.04198 -0.01101 -0.01179 5   ILE B CG1 
352 C CG1 B ILE B 5  ? 0.15759 0.10010 0.17927 -0.03969 -0.01832 -0.01896 5   ILE B CG1 
353 C CG2 A ILE B 5  ? 0.17053 0.10404 0.14493 -0.02408 0.02512  -0.01564 5   ILE B CG2 
354 C CG2 B ILE B 5  ? 0.14943 0.09619 0.16580 -0.02921 0.00102  -0.01469 5   ILE B CG2 
355 C CD1 A ILE B 5  ? 0.19831 0.11720 0.14589 -0.04860 -0.02550 0.01171  5   ILE B CD1 
356 C CD1 B ILE B 5  ? 0.15937 0.09437 0.18983 -0.03965 -0.02030 -0.02492 5   ILE B CD1 
379 N N   . LEU B 6  ? 0.10185 0.06642 0.15630 -0.00437 0.02926  0.02153  6   LEU B N   
380 C CA  . LEU B 6  ? 0.10268 0.07592 0.15847 -0.01479 0.02164  0.03033  6   LEU B CA  
381 C C   . LEU B 6  ? 0.09370 0.07094 0.14517 -0.01513 -0.00054 0.02055  6   LEU B C   
382 O O   . LEU B 6  ? 0.09189 0.06284 0.16778 -0.01321 0.00753  0.02069  6   LEU B O   
383 C CB  . LEU B 6  ? 0.10986 0.09930 0.19810 -0.02087 0.02126  0.05927  6   LEU B CB  
384 C CG  . LEU B 6  ? 0.13438 0.12907 0.26290 -0.02349 0.03101  0.07574  6   LEU B CG  
385 C CD1 . LEU B 6  ? 0.15494 0.14526 0.29822 -0.03654 0.00695  0.08983  6   LEU B CD1 
386 C CD2 . LEU B 6  ? 0.15670 0.14441 0.30555 -0.02279 0.05579  0.07583  6   LEU B CD2 
398 N N   . AIB B 7  ? 0.08791 0.06568 0.14037 -0.00876 0.01368  0.03163  7   AIB B N   
399 C CA  . AIB B 7  ? 0.10934 0.06326 0.14165 -0.01034 0.00974  0.01420  7   AIB B CA  
400 C C   . AIB B 7  ? 0.10102 0.05783 0.12929 -0.01075 -0.00072 0.02031  7   AIB B C   
401 O O   . AIB B 7  ? 0.09819 0.06927 0.13668 -0.00196 0.02090  0.04376  7   AIB B O   
402 C CB1 . AIB B 7  ? 0.14259 0.06920 0.16110 -0.02949 -0.02914 0.02208  7   AIB B CB1 
403 C CB2 . AIB B 7  ? 0.10784 0.07520 0.17306 -0.00256 0.00365  0.01996  7   AIB B CB2 
411 N N   . GLN B 8  ? 0.10586 0.05725 0.16056 -0.02457 -0.03655 0.01862  8   GLN B N   
412 C CA  . GLN B 8  ? 0.11535 0.06612 0.19473 -0.02610 -0.04432 0.01087  8   GLN B CA  
413 C C   . GLN B 8  ? 0.11778 0.04229 0.11798 -0.02252 -0.02216 0.00663  8   GLN B C   
414 O O   . GLN B 8  ? 0.13141 0.04124 0.11815 -0.01864 -0.01701 0.01084  8   GLN B O   
415 C CB  . GLN B 8  ? 0.15202 0.11175 0.33295 -0.03299 -0.08000 0.03895  8   GLN B CB  
416 C CG  . GLN B 8  ? 0.18161 0.15602 0.49248 -0.03331 -0.06449 0.07409  8   GLN B CG  
417 C CD  . GLN B 8  ? 0.21405 0.19128 0.60206 -0.02735 -0.03398 0.10811  8   GLN B CD  
418 O OE1 . GLN B 8  ? 0.22545 0.21131 0.60485 -0.03037 -0.03192 0.13567  8   GLN B OE1 
419 N NE2 . GLN B 8  ? 0.22933 0.20498 0.67013 -0.02522 -0.02978 0.10945  8   GLN B NE2 
428 N N   . AIB B 9  ? 0.11282 0.03517 0.10097 -0.01565 -0.01116 0.01139  9   AIB B N   
429 C CA  . AIB B 9  ? 0.12237 0.05133 0.09429 -0.01630 0.01650  0.01809  9   AIB B CA  
430 C C   . AIB B 9  ? 0.11447 0.04688 0.09302 -0.01505 0.00619  0.00721  9   AIB B C   
431 O O   . AIB B 9  ? 0.11888 0.05790 0.10444 -0.00434 0.01647  0.02059  9   AIB B O   
432 C CB1 . AIB B 9  ? 0.13648 0.06498 0.10024 -0.01822 0.00134  0.03090  9   AIB B CB1 
433 C CB2 . AIB B 9  ? 0.12902 0.06397 0.12083 -0.02588 0.01570  0.03423  9   AIB B CB2 
441 N N   . LEU B 10 ? 0.10078 0.04147 0.08478 -0.01845 0.00941  0.00887  10  LEU B N   
442 C CA  . LEU B 10 ? 0.11576 0.05432 0.09587 -0.01796 0.00735  0.01608  10  LEU B CA  
443 C C   . LEU B 10 ? 0.14394 0.05994 0.10202 -0.01529 0.03456  0.02375  10  LEU B C   
444 O O   . LEU B 10 ? 0.18447 0.07210 0.10022 -0.00826 0.02892  0.03083  10  LEU B O   
445 C CB  . LEU B 10 ? 0.12092 0.05546 0.10104 -0.02397 0.00159  0.01192  10  LEU B CB  
446 C CG  . LEU B 10 ? 0.12077 0.07391 0.09531 -0.03943 -0.00070 0.00810  10  LEU B CG  
447 C CD1 . LEU B 10 ? 0.13236 0.08376 0.12435 -0.04656 0.00030  0.00823  10  LEU B CD1 
448 C CD2 . LEU B 10 ? 0.11582 0.08906 0.13611 -0.04817 -0.01873 -0.00278 10  LEU B CD2 
460 C C11 . I77 B 11 ? 0.09816 0.05188 0.11808 -0.03121 -0.00385 0.02094  11  I77 B C11 
461 C C12 . I77 B 11 ? 0.10711 0.05102 0.09011 -0.02950 0.01177  0.01924  11  I77 B C12 
462 C C13 . I77 B 11 ? 0.10056 0.05123 0.08762 -0.02832 0.01444  0.01553  11  I77 B C13 
463 C C17 . I77 B 11 ? 0.10975 0.04926 0.13357 -0.02982 0.00749  0.01524  11  I77 B C17 
464 C C18 . I77 B 11 ? 0.09598 0.05169 0.11628 -0.02306 0.01304  0.02641  11  I77 B C18 
465 C C02 . I77 B 11 ? 0.08282 0.06443 0.08444 -0.03176 0.00576  0.00290  11  I77 B C02 
466 C C03 . I77 B 11 ? 0.08331 0.06589 0.07571 -0.03127 0.00963  0.00797  11  I77 B C03 
467 C C04 . I77 B 11 ? 0.08724 0.07244 0.13360 -0.02808 0.01560  0.03358  11  I77 B C04 
468 C C05 . I77 B 11 ? 0.09332 0.07355 0.11594 -0.02877 0.00186  0.04154  11  I77 B C05 
469 C C06 . I77 B 11 ? 0.07870 0.06254 0.11994 -0.02968 0.00767  0.00570  11  I77 B C06 
470 C C08 . I77 B 11 ? 0.08551 0.06537 0.08166 -0.02927 0.00998  0.01800  11  I77 B C08 
471 C C09 . I77 B 11 ? 0.08214 0.05963 0.08457 -0.02411 0.01087  0.02101  11  I77 B C09 
472 N N01 . I77 B 11 ? 0.08549 0.06705 0.10996 -0.03031 0.00508  0.00943  11  I77 B N01 
473 N N07 . I77 B 11 ? 0.08713 0.06904 0.14033 -0.03353 -0.00137 0.01395  11  I77 B N07 
474 N N10 . I77 B 11 ? 0.09292 0.06067 0.13383 -0.03251 -0.00820 0.02573  11  I77 B N10 
475 N N14 . I77 B 11 ? 0.11293 0.06167 0.16126 -0.02492 0.02723  0.02143  11  I77 B N14 
476 N N15 . I77 B 11 ? 0.11617 0.05516 0.12182 -0.02175 0.03289  0.01873  11  I77 B N15 
477 O O16 . I77 B 11 ? 0.09435 0.04936 0.09000 -0.03555 -0.00078 0.00857  11  I77 B O16 
478 O O19 . I77 B 11 ? 0.07738 0.07149 0.11265 -0.03432 0.00042  0.02010  11  I77 B O19 
489 C C   A MOH C .  ? 0.16596 0.20070 0.16741 0.03953  -0.04547 -0.03458 101 MOH A C   
490 C C   B MOH C .  ? 0.09756 0.10862 0.09540 0.01817  -0.00615 0.01922  101 MOH A C   
491 O O   A MOH C .  ? 0.14620 0.18245 0.22916 0.05304  -0.03411 -0.04571 101 MOH A O   
492 O O   B MOH C .  ? 0.10365 0.12016 0.13405 0.01248  -0.01098 0.02290  101 MOH A O   
501 O O   . HOH D .  ? 0.27633 0.18532 0.66299 -0.02480 0.08229  0.04236  201 HOH A O   
502 O O   . HOH D .  ? 0.13541 0.10623 0.09741 0.01153  0.00438  0.01228  202 HOH A O   
503 O O   A HOH D .  ? 0.19483 0.15455 0.25442 -0.08856 -0.06137 0.01841  203 HOH A O   
504 O O   B HOH D .  ? 0.41742 0.39019 0.29506 0.00070  0.12882  0.15533  203 HOH A O   
505 O O   . HOH E .  ? 0.30285 0.32587 0.31764 0.16963  0.10298  0.05694  101 HOH B O   
506 O O   . HOH E .  ? 0.67244 0.65555 0.31066 0.38930  0.12258  0.12037  102 HOH B O   
507 O O   . HOH E .  ? 0.30430 0.94972 0.49788 0.13266  0.04408  0.28030  103 HOH B O   
508 O O   . HOH E .  ? 0.46110 0.46611 0.61741 0.11466  -0.29320 -0.04194 104 HOH B O   
# 
